data_7T5M
#
_entry.id   7T5M
#
_cell.length_a   70.178
_cell.length_b   99.903
_cell.length_c   135.464
_cell.angle_alpha   90.000
_cell.angle_beta   90.000
_cell.angle_gamma   90.000
#
_symmetry.space_group_name_H-M   'P 2 21 21'
#
loop_
_entity.id
_entity.type
_entity.pdbx_description
1 polymer 'MHC class I antigen'
2 polymer Beta-2-microglobulin
3 polymer 'Interleukin-27 receptor subunit alpha'
4 non-polymer 2-AMINO-2-HYDROXYMETHYL-PROPANE-1,3-DIOL
5 non-polymer 'MAGNESIUM ION'
6 water water
#
loop_
_entity_poly.entity_id
_entity_poly.type
_entity_poly.pdbx_seq_one_letter_code
_entity_poly.pdbx_strand_id
1 'polypeptide(L)'
;GSHSMRYFFTSVSRPGRGEPRFIAVGYVDDTQFVRFDSDAASQRMEPRAPWIEQEGPEYWDGETRKVKAHSQTHRVDLGT
LRGYYNQSEAGSHTVQRMYGCDVGSDWRFLRGYHQYAYDGKDYIALKEDLRSWTAADMAAQTTKHKWEAAHVAEQLRAYL
EGTCVEWLRRYLENGKETLQRTDAPKTHMTHHAVSDHEATLRCWALSFYPAEITLTWQRDGEDQTQDTELVETRPAGDGT
FQKWAAVVVPSGQEQRYTCHVQHEGLPKPLTLRWEPSS
;
A,C
2 'polypeptide(L)'
;IQRTPKIQVYSRHPAENGKSNFLNCYVSGFHPSDIEVDLLKNGERIEKVEHSDLSFSKDWSFYLLYYTEFTPTEKDEYAC
RVNHVTLSQPKIVKWDRDM
;
B,D
3 'polypeptide(L)' FLPTPEELGLLGPPRPQVLA E,F
#
# COMPACT_ATOMS: atom_id res chain seq x y z
N GLY A 1 22.15 -22.59 -10.36
CA GLY A 1 23.27 -22.57 -11.27
C GLY A 1 24.50 -21.96 -10.63
N SER A 2 25.68 -22.31 -11.16
N SER A 2 25.68 -22.31 -11.16
CA SER A 2 26.95 -21.77 -10.69
CA SER A 2 26.95 -21.76 -10.68
C SER A 2 27.17 -20.39 -11.29
C SER A 2 27.18 -20.38 -11.29
N HIS A 3 26.80 -20.22 -12.57
CA HIS A 3 26.92 -18.98 -13.30
C HIS A 3 25.74 -18.85 -14.24
N SER A 4 25.39 -17.61 -14.55
N SER A 4 25.37 -17.61 -14.54
CA SER A 4 24.25 -17.34 -15.42
CA SER A 4 24.25 -17.31 -15.42
C SER A 4 24.51 -16.15 -16.32
C SER A 4 24.57 -16.16 -16.35
N MET A 5 23.92 -16.17 -17.53
N MET A 5 23.89 -16.11 -17.49
CA MET A 5 23.87 -15.01 -18.40
CA MET A 5 23.87 -14.99 -18.41
C MET A 5 22.37 -14.69 -18.60
C MET A 5 22.39 -14.68 -18.63
N ARG A 6 21.98 -13.45 -18.31
CA ARG A 6 20.56 -13.03 -18.43
C ARG A 6 20.41 -11.70 -19.09
N TYR A 7 19.34 -11.56 -19.89
CA TYR A 7 18.95 -10.31 -20.50
C TYR A 7 17.58 -9.93 -20.01
N PHE A 8 17.39 -8.62 -19.78
CA PHE A 8 16.13 -8.05 -19.29
C PHE A 8 15.73 -6.95 -20.25
N PHE A 9 14.54 -7.09 -20.88
CA PHE A 9 14.02 -6.12 -21.83
C PHE A 9 12.78 -5.46 -21.23
N THR A 10 12.67 -4.12 -21.35
CA THR A 10 11.48 -3.38 -20.92
C THR A 10 11.10 -2.38 -22.00
N SER A 11 9.81 -2.39 -22.42
CA SER A 11 9.32 -1.38 -23.35
C SER A 11 8.09 -0.74 -22.72
N VAL A 12 8.05 0.59 -22.74
CA VAL A 12 6.98 1.35 -22.06
C VAL A 12 6.37 2.33 -23.04
N SER A 13 5.05 2.31 -23.22
CA SER A 13 4.45 3.29 -24.12
C SER A 13 4.21 4.59 -23.35
N ARG A 14 4.22 5.71 -24.04
CA ARG A 14 3.96 7.04 -23.47
C ARG A 14 3.15 7.80 -24.54
N PRO A 15 1.85 7.42 -24.71
CA PRO A 15 1.03 8.01 -25.78
C PRO A 15 1.10 9.51 -26.01
N GLY A 16 1.12 10.29 -24.93
CA GLY A 16 1.25 11.73 -25.01
C GLY A 16 2.52 12.24 -25.67
N ARG A 17 3.68 11.71 -25.26
CA ARG A 17 4.99 12.20 -25.72
C ARG A 17 5.87 11.23 -26.54
N GLY A 18 5.46 10.97 -27.77
CA GLY A 18 6.27 10.18 -28.70
C GLY A 18 6.22 8.68 -28.57
N GLU A 19 7.17 8.03 -29.28
CA GLU A 19 7.31 6.59 -29.40
C GLU A 19 7.69 5.89 -28.09
N PRO A 20 7.37 4.58 -27.94
CA PRO A 20 7.74 3.88 -26.70
C PRO A 20 9.23 3.90 -26.43
N ARG A 21 9.60 3.69 -25.18
CA ARG A 21 10.99 3.63 -24.78
C ARG A 21 11.31 2.19 -24.55
N PHE A 22 12.47 1.75 -25.03
CA PHE A 22 12.94 0.38 -24.84
C PHE A 22 14.29 0.39 -24.14
N ILE A 23 14.42 -0.42 -23.08
CA ILE A 23 15.68 -0.60 -22.32
C ILE A 23 16.04 -2.07 -22.33
N ALA A 24 17.30 -2.38 -22.63
CA ALA A 24 17.82 -3.74 -22.56
C ALA A 24 19.05 -3.71 -21.67
N VAL A 25 19.15 -4.66 -20.74
CA VAL A 25 20.32 -4.81 -19.87
C VAL A 25 20.73 -6.28 -19.88
N GLY A 26 22.03 -6.51 -19.93
CA GLY A 26 22.58 -7.84 -19.89
C GLY A 26 23.41 -8.01 -18.63
N TYR A 27 23.32 -9.18 -18.00
CA TYR A 27 24.06 -9.53 -16.79
C TYR A 27 24.77 -10.84 -16.92
N VAL A 28 25.92 -10.96 -16.25
CA VAL A 28 26.55 -12.22 -16.00
C VAL A 28 26.50 -12.29 -14.50
N ASP A 29 25.79 -13.29 -13.95
CA ASP A 29 25.57 -13.40 -12.50
C ASP A 29 24.99 -12.07 -11.98
N ASP A 30 25.62 -11.46 -10.95
CA ASP A 30 25.14 -10.22 -10.37
C ASP A 30 25.81 -8.97 -10.95
N THR A 31 26.52 -9.13 -12.07
CA THR A 31 27.24 -8.03 -12.70
C THR A 31 26.63 -7.64 -14.02
N GLN A 32 26.21 -6.36 -14.15
CA GLN A 32 25.70 -5.88 -15.42
C GLN A 32 26.88 -5.65 -16.36
N PHE A 33 26.73 -6.05 -17.63
CA PHE A 33 27.83 -5.89 -18.56
C PHE A 33 27.48 -5.10 -19.80
N VAL A 34 26.20 -5.05 -20.20
CA VAL A 34 25.79 -4.29 -21.38
C VAL A 34 24.48 -3.58 -21.15
N ARG A 35 24.22 -2.51 -21.94
N ARG A 35 24.20 -2.57 -21.98
CA ARG A 35 22.97 -1.76 -21.92
CA ARG A 35 22.95 -1.82 -21.95
C ARG A 35 22.65 -1.13 -23.29
C ARG A 35 22.64 -1.21 -23.32
N PHE A 36 21.37 -0.90 -23.54
CA PHE A 36 20.86 -0.22 -24.70
C PHE A 36 19.65 0.55 -24.22
N ASP A 37 19.60 1.82 -24.58
CA ASP A 37 18.47 2.69 -24.24
C ASP A 37 18.06 3.36 -25.53
N SER A 38 16.83 3.08 -26.02
CA SER A 38 16.34 3.67 -27.26
C SER A 38 16.30 5.22 -27.20
N ASP A 39 16.20 5.80 -26.00
CA ASP A 39 16.20 7.24 -25.78
C ASP A 39 17.59 7.89 -25.86
N ALA A 40 18.66 7.11 -25.54
CA ALA A 40 20.06 7.58 -25.55
C ALA A 40 20.56 7.95 -26.94
N ALA A 41 21.57 8.84 -27.00
CA ALA A 41 22.13 9.35 -28.25
C ALA A 41 22.95 8.36 -29.08
N SER A 42 23.72 7.45 -28.45
CA SER A 42 24.59 6.52 -29.16
C SER A 42 23.86 5.60 -30.16
N GLN A 43 22.68 5.06 -29.77
CA GLN A 43 21.92 4.10 -30.60
C GLN A 43 22.75 2.83 -30.80
N ARG A 44 23.57 2.50 -29.77
CA ARG A 44 24.47 1.34 -29.79
C ARG A 44 24.35 0.55 -28.51
N MET A 45 24.65 -0.75 -28.59
CA MET A 45 24.79 -1.56 -27.39
C MET A 45 26.07 -0.99 -26.78
N GLU A 46 26.03 -0.68 -25.49
N GLU A 46 26.03 -0.68 -25.49
CA GLU A 46 27.14 -0.06 -24.78
CA GLU A 46 27.14 -0.06 -24.78
C GLU A 46 27.71 -0.95 -23.68
C GLU A 46 27.71 -0.95 -23.68
N PRO A 47 29.04 -0.93 -23.50
CA PRO A 47 29.64 -1.71 -22.41
C PRO A 47 29.35 -1.10 -21.05
N ARG A 48 29.19 -1.93 -20.01
CA ARG A 48 28.93 -1.50 -18.64
C ARG A 48 29.82 -2.24 -17.65
N ALA A 49 30.79 -3.00 -18.17
CA ALA A 49 31.79 -3.74 -17.39
C ALA A 49 33.11 -3.64 -18.14
N PRO A 50 34.26 -3.50 -17.43
CA PRO A 50 35.54 -3.35 -18.15
C PRO A 50 35.95 -4.51 -19.05
N TRP A 51 35.71 -5.76 -18.62
CA TRP A 51 36.10 -6.95 -19.40
C TRP A 51 35.38 -7.12 -20.74
N ILE A 52 34.17 -6.56 -20.88
CA ILE A 52 33.45 -6.64 -22.15
C ILE A 52 34.02 -5.64 -23.16
N GLU A 53 34.67 -4.57 -22.67
CA GLU A 53 35.30 -3.55 -23.52
C GLU A 53 36.38 -4.13 -24.42
N GLN A 54 36.97 -5.29 -24.03
CA GLN A 54 37.99 -5.99 -24.83
C GLN A 54 37.42 -6.51 -26.15
N GLU A 55 36.08 -6.74 -26.22
CA GLU A 55 35.45 -7.23 -27.43
C GLU A 55 35.62 -6.25 -28.59
N GLY A 56 35.85 -6.80 -29.77
CA GLY A 56 36.12 -6.04 -30.99
C GLY A 56 34.92 -5.36 -31.62
N PRO A 57 35.14 -4.55 -32.68
N PRO A 57 35.15 -4.56 -32.68
CA PRO A 57 34.02 -3.84 -33.31
CA PRO A 57 34.03 -3.84 -33.31
C PRO A 57 32.96 -4.73 -33.96
C PRO A 57 32.97 -4.73 -33.96
N GLU A 58 33.34 -5.94 -34.41
CA GLU A 58 32.43 -6.90 -35.03
C GLU A 58 31.40 -7.37 -33.97
N TYR A 59 31.87 -7.62 -32.73
CA TYR A 59 30.99 -7.99 -31.60
C TYR A 59 30.00 -6.85 -31.36
N TRP A 60 30.51 -5.61 -31.19
CA TRP A 60 29.68 -4.44 -30.92
C TRP A 60 28.69 -4.09 -32.04
N ASP A 61 29.10 -4.24 -33.33
CA ASP A 61 28.20 -4.00 -34.46
C ASP A 61 27.10 -5.06 -34.49
N GLY A 62 27.46 -6.30 -34.15
CA GLY A 62 26.52 -7.41 -34.10
C GLY A 62 25.49 -7.25 -32.99
N GLU A 63 25.94 -6.88 -31.79
CA GLU A 63 25.05 -6.66 -30.63
C GLU A 63 24.16 -5.44 -30.85
N THR A 64 24.72 -4.39 -31.52
CA THR A 64 23.97 -3.17 -31.85
C THR A 64 22.84 -3.53 -32.83
N ARG A 65 23.17 -4.28 -33.90
N ARG A 65 23.16 -4.28 -33.90
CA ARG A 65 22.21 -4.73 -34.91
CA ARG A 65 22.18 -4.71 -34.90
C ARG A 65 21.07 -5.51 -34.24
C ARG A 65 21.06 -5.52 -34.25
N LYS A 66 21.40 -6.53 -33.43
CA LYS A 66 20.40 -7.35 -32.73
C LYS A 66 19.55 -6.57 -31.75
N VAL A 67 20.17 -5.71 -30.92
CA VAL A 67 19.43 -4.95 -29.91
C VAL A 67 18.48 -3.92 -30.55
N LYS A 68 18.86 -3.35 -31.72
CA LYS A 68 17.99 -2.40 -32.43
C LYS A 68 16.77 -3.12 -32.98
N ALA A 69 16.97 -4.38 -33.45
CA ALA A 69 15.86 -5.21 -33.93
C ALA A 69 14.96 -5.59 -32.74
N HIS A 70 15.53 -5.93 -31.58
CA HIS A 70 14.69 -6.23 -30.40
C HIS A 70 13.94 -4.98 -29.92
N SER A 71 14.59 -3.79 -30.01
CA SER A 71 13.97 -2.53 -29.63
C SER A 71 12.70 -2.30 -30.43
N GLN A 72 12.79 -2.45 -31.76
CA GLN A 72 11.67 -2.31 -32.69
C GLN A 72 10.57 -3.28 -32.35
N THR A 73 10.89 -4.58 -32.24
CA THR A 73 9.95 -5.65 -31.85
C THR A 73 9.11 -5.32 -30.62
N HIS A 74 9.78 -4.95 -29.52
CA HIS A 74 9.15 -4.73 -28.23
C HIS A 74 8.40 -3.40 -28.10
N ARG A 75 8.79 -2.40 -28.91
CA ARG A 75 8.06 -1.13 -28.93
C ARG A 75 6.77 -1.35 -29.72
N VAL A 76 6.83 -2.13 -30.83
CA VAL A 76 5.64 -2.46 -31.64
C VAL A 76 4.69 -3.41 -30.91
N ASP A 77 5.23 -4.39 -30.14
CA ASP A 77 4.43 -5.34 -29.34
C ASP A 77 3.45 -4.63 -28.42
N LEU A 78 3.80 -3.41 -27.95
CA LEU A 78 2.90 -2.63 -27.10
C LEU A 78 1.57 -2.38 -27.81
N GLY A 79 1.62 -1.93 -29.07
CA GLY A 79 0.42 -1.70 -29.88
C GLY A 79 -0.38 -2.97 -30.13
N THR A 80 0.32 -4.09 -30.44
CA THR A 80 -0.27 -5.41 -30.66
C THR A 80 -1.05 -5.88 -29.43
N LEU A 81 -0.39 -5.80 -28.25
N LEU A 81 -0.39 -5.81 -28.25
CA LEU A 81 -0.98 -6.23 -26.98
CA LEU A 81 -0.99 -6.25 -26.99
C LEU A 81 -2.15 -5.34 -26.57
C LEU A 81 -2.13 -5.34 -26.54
N ARG A 82 -2.07 -4.03 -26.87
CA ARG A 82 -3.15 -3.08 -26.57
C ARG A 82 -4.42 -3.57 -27.33
N GLY A 83 -4.24 -4.00 -28.58
CA GLY A 83 -5.32 -4.53 -29.40
C GLY A 83 -5.84 -5.86 -28.90
N TYR A 84 -4.93 -6.71 -28.34
CA TYR A 84 -5.34 -8.01 -27.79
C TYR A 84 -6.22 -7.83 -26.55
N TYR A 85 -6.08 -6.71 -25.85
CA TYR A 85 -6.83 -6.50 -24.61
C TYR A 85 -7.86 -5.37 -24.72
N ASN A 86 -8.18 -4.95 -25.96
CA ASN A 86 -9.19 -3.91 -26.27
C ASN A 86 -8.92 -2.57 -25.58
N GLN A 87 -7.67 -2.30 -25.27
CA GLN A 87 -7.31 -1.10 -24.56
C GLN A 87 -7.26 0.12 -25.45
N SER A 88 -7.49 1.29 -24.85
CA SER A 88 -7.44 2.54 -25.57
C SER A 88 -5.98 2.93 -25.88
N GLU A 89 -5.80 3.84 -26.83
CA GLU A 89 -4.50 4.35 -27.22
C GLU A 89 -4.01 5.41 -26.22
N ALA A 90 -4.85 5.74 -25.20
CA ALA A 90 -4.56 6.79 -24.23
C ALA A 90 -3.55 6.43 -23.14
N GLY A 91 -3.72 5.28 -22.50
CA GLY A 91 -2.90 4.85 -21.37
C GLY A 91 -1.51 4.32 -21.69
N SER A 92 -0.64 4.34 -20.66
CA SER A 92 0.73 3.83 -20.76
C SER A 92 0.73 2.37 -20.35
N HIS A 93 1.44 1.53 -21.12
CA HIS A 93 1.51 0.08 -20.86
C HIS A 93 2.95 -0.40 -20.87
N THR A 94 3.20 -1.62 -20.35
CA THR A 94 4.55 -2.17 -20.24
C THR A 94 4.68 -3.57 -20.84
N VAL A 95 5.79 -3.80 -21.52
CA VAL A 95 6.19 -5.10 -22.02
C VAL A 95 7.51 -5.44 -21.30
N GLN A 96 7.62 -6.66 -20.78
CA GLN A 96 8.85 -7.13 -20.15
C GLN A 96 9.17 -8.50 -20.66
N ARG A 97 10.44 -8.75 -20.87
CA ARG A 97 10.88 -10.04 -21.35
C ARG A 97 12.22 -10.35 -20.69
N MET A 98 12.34 -11.53 -20.10
CA MET A 98 13.58 -11.95 -19.45
C MET A 98 13.92 -13.34 -19.93
N TYR A 99 15.22 -13.61 -20.15
CA TYR A 99 15.63 -14.93 -20.57
C TYR A 99 17.10 -15.09 -20.25
N GLY A 100 17.52 -16.34 -20.24
CA GLY A 100 18.93 -16.62 -20.00
C GLY A 100 19.24 -18.08 -19.82
N CYS A 101 20.52 -18.35 -19.53
CA CYS A 101 21.01 -19.70 -19.35
C CYS A 101 21.89 -19.79 -18.12
N ASP A 102 21.82 -20.93 -17.45
CA ASP A 102 22.69 -21.22 -16.30
C ASP A 102 23.58 -22.35 -16.64
N VAL A 103 24.80 -22.31 -16.09
N VAL A 103 24.73 -22.36 -15.98
CA VAL A 103 25.75 -23.40 -16.20
CA VAL A 103 25.80 -23.31 -16.17
C VAL A 103 25.98 -24.02 -14.81
C VAL A 103 26.17 -23.95 -14.81
N GLY A 104 26.43 -25.26 -14.81
CA GLY A 104 26.78 -25.98 -13.59
C GLY A 104 28.21 -25.66 -13.18
N SER A 105 28.71 -26.29 -12.11
CA SER A 105 30.09 -26.04 -11.63
C SER A 105 31.18 -26.30 -12.67
N ASP A 106 30.86 -27.14 -13.66
CA ASP A 106 31.73 -27.57 -14.78
C ASP A 106 31.61 -26.65 -15.99
N TRP A 107 30.85 -25.55 -15.85
CA TRP A 107 30.60 -24.57 -16.91
C TRP A 107 29.81 -25.16 -18.09
N ARG A 108 29.15 -26.29 -17.87
CA ARG A 108 28.31 -26.92 -18.89
C ARG A 108 26.85 -26.61 -18.62
N PHE A 109 26.05 -26.49 -19.68
CA PHE A 109 24.63 -26.17 -19.61
C PHE A 109 23.90 -26.86 -18.46
N LEU A 110 23.14 -26.08 -17.69
CA LEU A 110 22.32 -26.59 -16.60
C LEU A 110 20.84 -26.32 -16.87
N ARG A 111 20.49 -25.07 -17.21
CA ARG A 111 19.08 -24.71 -17.50
C ARG A 111 18.98 -23.49 -18.38
N GLY A 112 17.82 -23.32 -18.99
CA GLY A 112 17.48 -22.17 -19.79
C GLY A 112 16.09 -21.70 -19.41
N TYR A 113 15.81 -20.43 -19.62
CA TYR A 113 14.52 -19.87 -19.26
C TYR A 113 14.19 -18.71 -20.10
N HIS A 114 12.88 -18.41 -20.25
CA HIS A 114 12.39 -17.34 -21.07
C HIS A 114 10.95 -17.06 -20.66
N GLN A 115 10.71 -15.81 -20.25
CA GLN A 115 9.40 -15.35 -19.79
C GLN A 115 9.07 -13.99 -20.40
N TYR A 116 7.80 -13.79 -20.70
CA TYR A 116 7.28 -12.56 -21.28
C TYR A 116 6.08 -12.10 -20.42
N ALA A 117 6.03 -10.80 -20.11
CA ALA A 117 4.91 -10.22 -19.35
C ALA A 117 4.37 -8.97 -20.00
N TYR A 118 3.07 -8.72 -19.79
CA TYR A 118 2.41 -7.52 -20.30
C TYR A 118 1.78 -6.85 -19.10
N ASP A 119 2.08 -5.57 -18.86
CA ASP A 119 1.56 -4.82 -17.70
C ASP A 119 1.85 -5.52 -16.35
N GLY A 120 3.06 -6.08 -16.24
CA GLY A 120 3.52 -6.74 -15.03
C GLY A 120 2.89 -8.06 -14.66
N LYS A 121 2.15 -8.68 -15.60
CA LYS A 121 1.47 -9.96 -15.43
C LYS A 121 2.09 -10.98 -16.40
N ASP A 122 2.22 -12.25 -15.97
CA ASP A 122 2.76 -13.30 -16.84
C ASP A 122 1.89 -13.37 -18.11
N TYR A 123 2.54 -13.50 -19.26
CA TYR A 123 1.83 -13.63 -20.52
C TYR A 123 2.16 -15.01 -21.10
N ILE A 124 3.43 -15.25 -21.45
CA ILE A 124 3.86 -16.54 -21.97
C ILE A 124 5.24 -16.89 -21.44
N ALA A 125 5.49 -18.17 -21.21
CA ALA A 125 6.78 -18.62 -20.68
C ALA A 125 7.19 -19.93 -21.30
N LEU A 126 8.49 -20.10 -21.53
CA LEU A 126 9.04 -21.35 -22.00
C LEU A 126 9.11 -22.25 -20.75
N LYS A 127 8.74 -23.53 -20.91
CA LYS A 127 8.81 -24.50 -19.80
C LYS A 127 10.29 -24.91 -19.61
N GLU A 128 10.61 -25.54 -18.48
CA GLU A 128 11.97 -25.96 -18.13
C GLU A 128 12.58 -26.95 -19.15
N ASP A 129 11.71 -27.76 -19.82
CA ASP A 129 12.20 -28.70 -20.84
C ASP A 129 12.64 -28.02 -22.15
N LEU A 130 12.39 -26.69 -22.27
CA LEU A 130 12.78 -25.86 -23.43
C LEU A 130 12.13 -26.35 -24.72
N ARG A 131 11.04 -27.10 -24.61
CA ARG A 131 10.31 -27.72 -25.73
C ARG A 131 8.82 -27.35 -25.76
N SER A 132 8.27 -26.83 -24.65
CA SER A 132 6.86 -26.44 -24.54
C SER A 132 6.70 -25.10 -23.85
N TRP A 133 5.50 -24.53 -23.96
CA TRP A 133 5.14 -23.21 -23.44
C TRP A 133 4.01 -23.26 -22.44
N THR A 134 3.93 -22.23 -21.58
CA THR A 134 2.83 -22.00 -20.65
C THR A 134 2.22 -20.65 -21.00
N ALA A 135 0.94 -20.63 -21.38
CA ALA A 135 0.20 -19.42 -21.72
C ALA A 135 -0.72 -19.07 -20.55
N ALA A 136 -0.72 -17.78 -20.14
CA ALA A 136 -1.49 -17.30 -18.99
C ALA A 136 -2.98 -17.14 -19.25
N ASP A 137 -3.35 -16.73 -20.47
CA ASP A 137 -4.76 -16.46 -20.81
C ASP A 137 -5.09 -16.76 -22.26
N MET A 138 -6.30 -16.33 -22.65
CA MET A 138 -6.87 -16.44 -23.97
C MET A 138 -5.94 -15.85 -25.06
N ALA A 139 -5.52 -14.58 -24.92
CA ALA A 139 -4.62 -13.95 -25.90
C ALA A 139 -3.28 -14.69 -25.97
N ALA A 140 -2.65 -15.01 -24.81
CA ALA A 140 -1.37 -15.72 -24.78
C ALA A 140 -1.45 -17.11 -25.44
N GLN A 141 -2.62 -17.78 -25.32
CA GLN A 141 -2.85 -19.07 -25.96
C GLN A 141 -2.68 -18.98 -27.49
N THR A 142 -3.09 -17.86 -28.12
CA THR A 142 -2.93 -17.67 -29.57
C THR A 142 -1.47 -17.43 -29.94
N THR A 143 -0.67 -16.78 -29.05
CA THR A 143 0.77 -16.62 -29.29
C THR A 143 1.40 -18.01 -29.21
N LYS A 144 1.01 -18.79 -28.18
CA LYS A 144 1.48 -20.15 -27.97
C LYS A 144 1.27 -21.02 -29.21
N HIS A 145 0.03 -21.03 -29.76
N HIS A 145 0.03 -21.03 -29.76
N HIS A 145 0.03 -21.03 -29.76
CA HIS A 145 -0.30 -21.79 -30.96
CA HIS A 145 -0.31 -21.80 -30.96
CA HIS A 145 -0.31 -21.80 -30.97
C HIS A 145 0.57 -21.38 -32.15
C HIS A 145 0.56 -21.39 -32.15
C HIS A 145 0.60 -21.39 -32.13
N LYS A 146 0.81 -20.07 -32.31
CA LYS A 146 1.66 -19.51 -33.38
C LYS A 146 3.10 -19.99 -33.22
N TRP A 147 3.62 -19.95 -31.99
CA TRP A 147 4.99 -20.37 -31.71
C TRP A 147 5.17 -21.88 -31.82
N GLU A 148 4.12 -22.65 -31.52
CA GLU A 148 4.15 -24.10 -31.66
C GLU A 148 4.27 -24.49 -33.15
N ALA A 149 3.42 -23.89 -34.00
CA ALA A 149 3.40 -24.13 -35.45
C ALA A 149 4.72 -23.73 -36.12
N ALA A 150 5.35 -22.63 -35.65
CA ALA A 150 6.61 -22.11 -36.19
C ALA A 150 7.87 -22.77 -35.58
N HIS A 151 7.72 -23.74 -34.64
CA HIS A 151 8.83 -24.43 -33.96
C HIS A 151 9.81 -23.45 -33.29
N VAL A 152 9.26 -22.38 -32.68
CA VAL A 152 10.05 -21.34 -32.00
C VAL A 152 10.91 -21.96 -30.91
N ALA A 153 10.33 -22.90 -30.12
CA ALA A 153 11.05 -23.55 -29.02
C ALA A 153 12.35 -24.21 -29.51
N GLU A 154 12.35 -24.82 -30.72
CA GLU A 154 13.56 -25.41 -31.30
C GLU A 154 14.71 -24.40 -31.44
N GLN A 155 14.41 -23.20 -31.97
CA GLN A 155 15.40 -22.14 -32.17
C GLN A 155 15.84 -21.56 -30.83
N LEU A 156 14.88 -21.33 -29.91
CA LEU A 156 15.18 -20.79 -28.59
C LEU A 156 16.05 -21.75 -27.79
N ARG A 157 15.67 -23.03 -27.76
CA ARG A 157 16.42 -24.08 -27.10
C ARG A 157 17.87 -24.16 -27.64
N ALA A 158 18.02 -24.10 -28.99
CA ALA A 158 19.37 -24.13 -29.58
C ALA A 158 20.18 -22.93 -29.10
N TYR A 159 19.56 -21.75 -28.97
CA TYR A 159 20.24 -20.56 -28.45
C TYR A 159 20.59 -20.76 -26.96
N LEU A 160 19.63 -21.16 -26.13
CA LEU A 160 19.85 -21.34 -24.68
C LEU A 160 20.90 -22.42 -24.33
N GLU A 161 20.84 -23.57 -25.01
CA GLU A 161 21.76 -24.70 -24.80
C GLU A 161 23.10 -24.54 -25.50
N GLY A 162 23.15 -23.79 -26.59
CA GLY A 162 24.35 -23.62 -27.38
C GLY A 162 25.01 -22.28 -27.18
N THR A 163 24.63 -21.31 -28.02
CA THR A 163 25.13 -19.94 -28.09
C THR A 163 25.22 -19.25 -26.72
N CYS A 164 24.12 -19.26 -25.96
CA CYS A 164 24.07 -18.63 -24.65
C CYS A 164 25.18 -19.13 -23.72
N VAL A 165 25.35 -20.46 -23.59
CA VAL A 165 26.36 -21.01 -22.69
C VAL A 165 27.80 -20.89 -23.24
N GLU A 166 27.96 -20.88 -24.59
CA GLU A 166 29.28 -20.73 -25.20
C GLU A 166 29.82 -19.31 -24.92
N TRP A 167 28.95 -18.30 -25.08
CA TRP A 167 29.31 -16.92 -24.80
C TRP A 167 29.44 -16.66 -23.30
N LEU A 168 28.61 -17.33 -22.46
CA LEU A 168 28.77 -17.24 -21.00
C LEU A 168 30.16 -17.76 -20.60
N ARG A 169 30.58 -18.93 -21.13
CA ARG A 169 31.90 -19.51 -20.84
C ARG A 169 33.03 -18.56 -21.29
N ARG A 170 32.83 -17.86 -22.42
CA ARG A 170 33.80 -16.90 -22.93
C ARG A 170 33.96 -15.74 -21.95
N TYR A 171 32.83 -15.14 -21.52
CA TYR A 171 32.82 -14.02 -20.58
C TYR A 171 33.45 -14.39 -19.23
N LEU A 172 33.10 -15.58 -18.69
CA LEU A 172 33.63 -16.05 -17.41
C LEU A 172 35.14 -16.13 -17.43
N GLU A 173 35.71 -16.57 -18.58
CA GLU A 173 37.15 -16.65 -18.76
C GLU A 173 37.75 -15.25 -18.95
N ASN A 174 37.23 -14.45 -19.91
CA ASN A 174 37.76 -13.10 -20.16
C ASN A 174 37.62 -12.15 -18.98
N GLY A 175 36.53 -12.26 -18.24
CA GLY A 175 36.31 -11.42 -17.08
C GLY A 175 36.55 -12.12 -15.76
N LYS A 176 37.45 -13.14 -15.72
N LYS A 176 37.46 -13.11 -15.75
CA LYS A 176 37.69 -13.92 -14.49
CA LYS A 176 37.80 -13.90 -14.56
C LYS A 176 37.98 -13.09 -13.24
C LYS A 176 37.94 -13.07 -13.29
N GLU A 177 38.75 -12.00 -13.35
CA GLU A 177 39.08 -11.09 -12.22
C GLU A 177 37.83 -10.50 -11.57
N THR A 178 36.82 -10.17 -12.38
CA THR A 178 35.55 -9.62 -11.91
C THR A 178 34.52 -10.71 -11.61
N LEU A 179 34.34 -11.65 -12.55
CA LEU A 179 33.25 -12.62 -12.49
C LEU A 179 33.50 -13.85 -11.64
N GLN A 180 34.75 -14.35 -11.63
CA GLN A 180 35.01 -15.55 -10.85
C GLN A 180 35.41 -15.24 -9.41
N ARG A 181 35.21 -13.99 -8.97
CA ARG A 181 35.63 -13.60 -7.65
C ARG A 181 34.57 -13.81 -6.60
N THR A 182 35.04 -13.97 -5.36
N THR A 182 35.04 -13.95 -5.36
CA THR A 182 34.19 -14.06 -4.17
CA THR A 182 34.20 -14.03 -4.18
C THR A 182 34.74 -13.02 -3.20
C THR A 182 34.75 -13.01 -3.20
N ASP A 183 33.91 -12.02 -2.85
CA ASP A 183 34.28 -10.99 -1.89
C ASP A 183 33.47 -11.33 -0.65
N ALA A 184 34.15 -11.91 0.36
CA ALA A 184 33.49 -12.27 1.61
C ALA A 184 33.00 -10.98 2.25
N PRO A 185 31.85 -10.98 2.92
CA PRO A 185 31.40 -9.74 3.54
C PRO A 185 32.32 -9.23 4.62
N LYS A 186 32.42 -7.91 4.71
N LYS A 186 32.39 -7.91 4.73
CA LYS A 186 33.13 -7.22 5.80
CA LYS A 186 33.07 -7.23 5.81
C LYS A 186 31.98 -7.01 6.81
C LYS A 186 31.95 -7.01 6.82
N THR A 187 32.10 -7.62 8.00
CA THR A 187 31.03 -7.60 9.01
C THR A 187 31.37 -6.78 10.24
N HIS A 188 30.34 -6.16 10.82
CA HIS A 188 30.48 -5.42 12.07
C HIS A 188 29.13 -5.30 12.73
N MET A 189 29.13 -5.04 14.03
N MET A 189 29.15 -5.02 14.04
CA MET A 189 27.89 -4.83 14.75
CA MET A 189 27.96 -4.86 14.85
C MET A 189 27.92 -3.46 15.39
C MET A 189 27.93 -3.44 15.42
N THR A 190 26.77 -2.77 15.33
CA THR A 190 26.57 -1.44 15.93
C THR A 190 25.51 -1.57 17.02
N HIS A 191 25.57 -0.68 17.99
CA HIS A 191 24.65 -0.66 19.13
C HIS A 191 24.12 0.75 19.22
N HIS A 192 22.78 0.89 19.23
CA HIS A 192 22.11 2.19 19.30
C HIS A 192 21.00 2.13 20.33
N ALA A 193 21.22 2.78 21.48
CA ALA A 193 20.20 2.81 22.52
C ALA A 193 18.92 3.47 21.98
N VAL A 194 17.81 2.80 22.22
CA VAL A 194 16.48 3.27 21.83
C VAL A 194 16.04 4.14 23.02
N SER A 195 16.35 3.67 24.22
CA SER A 195 15.98 4.28 25.48
C SER A 195 16.88 3.71 26.55
N ASP A 196 16.58 4.00 27.82
CA ASP A 196 17.30 3.42 28.94
C ASP A 196 16.91 1.94 29.16
N HIS A 197 15.81 1.47 28.55
CA HIS A 197 15.33 0.09 28.68
C HIS A 197 15.83 -0.84 27.57
N GLU A 198 16.06 -0.28 26.37
CA GLU A 198 16.36 -1.07 25.18
C GLU A 198 17.38 -0.45 24.28
N ALA A 199 18.01 -1.31 23.48
CA ALA A 199 18.98 -0.90 22.48
C ALA A 199 18.77 -1.73 21.22
N THR A 200 19.07 -1.11 20.06
CA THR A 200 19.03 -1.78 18.76
C THR A 200 20.45 -2.33 18.49
N LEU A 201 20.53 -3.60 18.12
CA LEU A 201 21.79 -4.23 17.72
C LEU A 201 21.64 -4.44 16.22
N ARG A 202 22.55 -3.86 15.43
CA ARG A 202 22.48 -3.96 13.98
C ARG A 202 23.73 -4.65 13.46
N CYS A 203 23.52 -5.80 12.81
CA CYS A 203 24.52 -6.68 12.23
C CYS A 203 24.67 -6.30 10.77
N TRP A 204 25.88 -5.87 10.38
CA TRP A 204 26.19 -5.40 9.04
C TRP A 204 27.00 -6.40 8.24
N ALA A 205 26.72 -6.45 6.93
CA ALA A 205 27.50 -7.21 5.96
C ALA A 205 27.70 -6.26 4.80
N LEU A 206 28.95 -5.88 4.55
CA LEU A 206 29.26 -4.92 3.49
C LEU A 206 30.29 -5.45 2.51
N SER A 207 30.33 -4.82 1.31
CA SER A 207 31.36 -5.08 0.29
C SER A 207 31.45 -6.54 -0.16
N PHE A 208 30.31 -7.23 -0.26
CA PHE A 208 30.32 -8.63 -0.64
C PHE A 208 29.85 -8.90 -2.07
N TYR A 209 30.32 -10.01 -2.61
CA TYR A 209 29.97 -10.46 -3.95
C TYR A 209 30.19 -11.97 -4.01
N PRO A 210 29.23 -12.75 -4.57
N PRO A 210 29.24 -12.75 -4.56
CA PRO A 210 27.93 -12.35 -5.14
CA PRO A 210 27.93 -12.38 -5.14
C PRO A 210 26.94 -11.89 -4.08
C PRO A 210 26.93 -11.91 -4.09
N ALA A 211 25.76 -11.40 -4.53
CA ALA A 211 24.72 -10.85 -3.69
C ALA A 211 24.09 -11.80 -2.69
N GLU A 212 24.03 -13.11 -3.03
CA GLU A 212 23.42 -14.13 -2.15
C GLU A 212 24.10 -14.13 -0.77
N ILE A 213 23.31 -13.98 0.31
CA ILE A 213 23.82 -13.93 1.68
C ILE A 213 22.68 -14.27 2.66
N THR A 214 23.02 -14.73 3.87
CA THR A 214 22.02 -14.99 4.91
C THR A 214 22.49 -14.38 6.23
N LEU A 215 21.69 -13.45 6.78
CA LEU A 215 21.92 -12.84 8.09
C LEU A 215 20.78 -13.26 8.99
N THR A 216 21.11 -13.84 10.14
CA THR A 216 20.12 -14.30 11.10
C THR A 216 20.51 -13.89 12.51
N TRP A 217 19.51 -13.54 13.31
CA TRP A 217 19.72 -13.20 14.70
C TRP A 217 19.18 -14.32 15.56
N GLN A 218 19.86 -14.56 16.69
CA GLN A 218 19.44 -15.55 17.67
C GLN A 218 19.56 -14.99 19.07
N ARG A 219 18.69 -15.47 19.97
CA ARG A 219 18.73 -15.19 21.40
C ARG A 219 18.83 -16.57 22.01
N ASP A 220 19.91 -16.83 22.76
CA ASP A 220 20.22 -18.15 23.32
C ASP A 220 20.26 -19.23 22.20
N GLY A 221 20.67 -18.82 21.00
CA GLY A 221 20.78 -19.69 19.84
C GLY A 221 19.47 -19.99 19.13
N GLU A 222 18.35 -19.32 19.55
CA GLU A 222 17.02 -19.50 18.99
C GLU A 222 16.77 -18.40 17.96
N ASP A 223 16.50 -18.78 16.70
N ASP A 223 16.50 -18.78 16.69
CA ASP A 223 16.24 -17.84 15.60
CA ASP A 223 16.25 -17.82 15.60
C ASP A 223 15.15 -16.82 15.97
C ASP A 223 15.15 -16.82 15.98
N GLN A 224 15.44 -15.53 15.75
CA GLN A 224 14.55 -14.40 16.07
C GLN A 224 13.77 -13.93 14.84
N THR A 225 13.22 -14.89 14.08
CA THR A 225 12.45 -14.68 12.85
C THR A 225 11.51 -13.45 12.91
N GLN A 226 10.49 -13.51 13.79
CA GLN A 226 9.45 -12.50 13.98
C GLN A 226 9.97 -11.13 14.39
N ASP A 227 11.05 -11.08 15.21
CA ASP A 227 11.52 -9.82 15.77
C ASP A 227 12.74 -9.21 15.06
N THR A 228 13.10 -9.75 13.90
CA THR A 228 14.24 -9.19 13.19
C THR A 228 13.80 -8.24 12.09
N GLU A 229 14.44 -7.06 12.03
CA GLU A 229 14.23 -6.19 10.90
C GLU A 229 15.37 -6.55 9.94
N LEU A 230 15.02 -7.10 8.77
CA LEU A 230 15.97 -7.55 7.75
C LEU A 230 15.74 -6.73 6.48
N VAL A 231 16.74 -5.91 6.08
CA VAL A 231 16.60 -5.10 4.87
C VAL A 231 16.92 -5.91 3.63
N GLU A 232 16.31 -5.53 2.50
CA GLU A 232 16.60 -6.18 1.24
C GLU A 232 18.10 -5.95 0.89
N THR A 233 18.76 -6.97 0.30
CA THR A 233 20.14 -6.84 -0.16
C THR A 233 20.16 -5.70 -1.19
N ARG A 234 21.12 -4.80 -1.04
CA ARG A 234 21.19 -3.59 -1.83
C ARG A 234 22.56 -3.37 -2.47
N PRO A 235 22.60 -2.74 -3.66
CA PRO A 235 23.90 -2.51 -4.32
C PRO A 235 24.67 -1.33 -3.72
N ALA A 236 25.98 -1.49 -3.50
CA ALA A 236 26.80 -0.40 -2.95
C ALA A 236 27.17 0.64 -4.01
N GLY A 237 27.11 0.24 -5.27
CA GLY A 237 27.45 1.13 -6.38
C GLY A 237 28.79 0.84 -7.03
N ASP A 238 29.62 0.03 -6.36
CA ASP A 238 30.97 -0.32 -6.81
C ASP A 238 31.09 -1.79 -7.25
N GLY A 239 29.97 -2.45 -7.50
CA GLY A 239 29.96 -3.86 -7.89
C GLY A 239 29.85 -4.82 -6.72
N THR A 240 29.64 -4.29 -5.50
CA THR A 240 29.46 -5.10 -4.30
C THR A 240 28.06 -4.86 -3.72
N PHE A 241 27.70 -5.65 -2.73
CA PHE A 241 26.39 -5.57 -2.11
C PHE A 241 26.46 -5.34 -0.61
N GLN A 242 25.33 -4.92 -0.04
CA GLN A 242 25.16 -4.61 1.39
C GLN A 242 23.89 -5.23 1.94
N LYS A 243 23.92 -5.54 3.24
CA LYS A 243 22.73 -6.05 3.93
C LYS A 243 22.94 -5.89 5.43
N TRP A 244 21.85 -5.65 6.15
CA TRP A 244 21.90 -5.61 7.59
C TRP A 244 20.65 -6.23 8.20
N ALA A 245 20.76 -6.63 9.47
CA ALA A 245 19.65 -7.20 10.24
C ALA A 245 19.76 -6.61 11.63
N ALA A 246 18.62 -6.21 12.18
CA ALA A 246 18.60 -5.59 13.49
C ALA A 246 17.58 -6.20 14.38
N VAL A 247 17.88 -6.20 15.67
CA VAL A 247 16.98 -6.63 16.74
C VAL A 247 16.99 -5.59 17.84
N VAL A 248 15.84 -5.44 18.55
CA VAL A 248 15.75 -4.54 19.70
C VAL A 248 15.84 -5.44 20.95
N VAL A 249 16.82 -5.16 21.80
CA VAL A 249 17.09 -6.01 22.95
C VAL A 249 16.97 -5.26 24.27
N PRO A 250 16.59 -5.94 25.38
CA PRO A 250 16.59 -5.25 26.69
C PRO A 250 18.03 -4.91 27.08
N SER A 251 18.24 -3.70 27.62
N SER A 251 18.24 -3.70 27.62
N SER A 251 18.24 -3.70 27.61
CA SER A 251 19.55 -3.21 28.06
CA SER A 251 19.54 -3.21 28.06
CA SER A 251 19.54 -3.19 28.06
C SER A 251 20.13 -4.16 29.11
C SER A 251 20.13 -4.16 29.11
C SER A 251 20.13 -4.14 29.12
N GLY A 252 21.36 -4.61 28.87
CA GLY A 252 22.05 -5.54 29.76
C GLY A 252 21.84 -7.00 29.37
N GLN A 253 21.01 -7.26 28.34
CA GLN A 253 20.80 -8.64 27.85
C GLN A 253 21.50 -8.91 26.51
N GLU A 254 22.32 -7.96 26.04
CA GLU A 254 23.03 -8.05 24.75
C GLU A 254 23.80 -9.35 24.53
N GLN A 255 24.40 -9.89 25.59
CA GLN A 255 25.23 -11.10 25.57
C GLN A 255 24.46 -12.36 25.14
N ARG A 256 23.13 -12.36 25.28
CA ARG A 256 22.30 -13.50 24.87
C ARG A 256 22.11 -13.56 23.36
N TYR A 257 22.44 -12.47 22.66
CA TYR A 257 22.19 -12.35 21.23
C TYR A 257 23.41 -12.55 20.37
N THR A 258 23.21 -13.27 19.26
CA THR A 258 24.24 -13.52 18.26
C THR A 258 23.67 -13.33 16.88
N CYS A 259 24.49 -12.81 15.97
CA CYS A 259 24.16 -12.67 14.55
C CYS A 259 25.05 -13.64 13.79
N HIS A 260 24.46 -14.36 12.83
CA HIS A 260 25.21 -15.30 12.00
C HIS A 260 25.17 -14.87 10.57
N VAL A 261 26.33 -14.90 9.89
CA VAL A 261 26.49 -14.49 8.50
C VAL A 261 26.92 -15.71 7.70
N GLN A 262 26.18 -16.03 6.63
CA GLN A 262 26.53 -17.13 5.75
C GLN A 262 26.73 -16.54 4.37
N HIS A 263 27.88 -16.80 3.78
CA HIS A 263 28.21 -16.30 2.47
C HIS A 263 29.23 -17.24 1.88
N GLU A 264 29.23 -17.30 0.58
CA GLU A 264 30.11 -18.08 -0.25
C GLU A 264 31.60 -17.84 0.05
N GLY A 265 31.96 -16.60 0.39
CA GLY A 265 33.34 -16.21 0.68
C GLY A 265 33.78 -16.51 2.10
N LEU A 266 32.83 -16.99 2.90
CA LEU A 266 33.13 -17.35 4.28
C LEU A 266 33.30 -18.86 4.36
N PRO A 267 34.49 -19.36 4.75
CA PRO A 267 34.69 -20.83 4.82
C PRO A 267 33.71 -21.50 5.78
N LYS A 268 33.36 -20.77 6.85
CA LYS A 268 32.43 -21.22 7.87
C LYS A 268 31.44 -20.09 8.16
N PRO A 269 30.17 -20.39 8.51
CA PRO A 269 29.27 -19.29 8.94
C PRO A 269 29.87 -18.55 10.13
N LEU A 270 29.75 -17.22 10.13
CA LEU A 270 30.40 -16.36 11.13
C LEU A 270 29.48 -15.86 12.22
N THR A 271 29.92 -16.00 13.48
CA THR A 271 29.19 -15.52 14.67
C THR A 271 29.67 -14.13 15.04
N LEU A 272 28.74 -13.19 15.17
CA LEU A 272 29.02 -11.83 15.62
C LEU A 272 28.26 -11.60 16.92
N ARG A 273 28.90 -10.88 17.82
CA ARG A 273 28.37 -10.52 19.14
C ARG A 273 28.65 -9.05 19.38
N TRP A 274 27.90 -8.44 20.31
CA TRP A 274 28.14 -7.05 20.68
C TRP A 274 29.35 -7.01 21.59
N GLU A 275 30.37 -6.24 21.18
CA GLU A 275 31.62 -6.12 21.93
C GLU A 275 31.70 -4.72 22.54
N PRO A 276 31.33 -4.56 23.83
CA PRO A 276 31.36 -3.22 24.45
C PRO A 276 32.76 -2.70 24.79
N ILE B 1 -0.72 -5.20 -11.29
CA ILE B 1 -1.03 -3.92 -11.92
C ILE B 1 -0.28 -2.75 -11.24
N GLN B 2 -0.39 -2.61 -9.91
CA GLN B 2 0.31 -1.52 -9.22
C GLN B 2 1.01 -1.99 -7.96
N ARG B 3 2.31 -1.69 -7.89
CA ARG B 3 3.17 -2.07 -6.78
C ARG B 3 3.96 -0.87 -6.29
N THR B 4 3.86 -0.62 -4.98
CA THR B 4 4.48 0.53 -4.31
C THR B 4 6.00 0.34 -4.12
N PRO B 5 6.84 1.36 -4.42
N PRO B 5 6.83 1.36 -4.41
CA PRO B 5 8.30 1.16 -4.25
CA PRO B 5 8.28 1.18 -4.24
C PRO B 5 8.77 1.06 -2.81
C PRO B 5 8.75 1.06 -2.80
N LYS B 6 9.78 0.22 -2.59
CA LYS B 6 10.48 0.07 -1.32
C LYS B 6 11.62 1.07 -1.51
N ILE B 7 12.06 1.76 -0.44
CA ILE B 7 13.10 2.78 -0.59
C ILE B 7 14.15 2.58 0.48
N GLN B 8 15.43 2.55 0.06
CA GLN B 8 16.56 2.52 0.98
C GLN B 8 17.53 3.63 0.62
N VAL B 9 17.88 4.47 1.60
N VAL B 9 17.87 4.49 1.59
CA VAL B 9 18.86 5.55 1.45
CA VAL B 9 18.85 5.56 1.39
C VAL B 9 20.05 5.20 2.32
C VAL B 9 20.05 5.28 2.31
N TYR B 10 21.25 5.19 1.73
CA TYR B 10 22.46 4.79 2.43
C TYR B 10 23.72 5.20 1.69
N SER B 11 24.87 5.06 2.34
CA SER B 11 26.14 5.36 1.72
C SER B 11 26.88 4.10 1.27
N ARG B 12 27.75 4.25 0.28
CA ARG B 12 28.56 3.14 -0.23
C ARG B 12 29.48 2.57 0.87
N HIS B 13 30.13 3.46 1.63
CA HIS B 13 30.99 3.09 2.74
C HIS B 13 30.46 3.70 4.03
N PRO B 14 30.76 3.11 5.22
CA PRO B 14 30.30 3.74 6.49
C PRO B 14 30.77 5.19 6.52
N ALA B 15 29.85 6.09 6.86
CA ALA B 15 30.12 7.53 6.84
C ALA B 15 31.12 7.97 7.89
N GLU B 16 31.97 8.92 7.48
CA GLU B 16 32.97 9.58 8.31
C GLU B 16 32.90 11.05 7.91
N ASN B 17 32.54 11.93 8.86
CA ASN B 17 32.42 13.37 8.57
C ASN B 17 33.66 13.94 7.91
N GLY B 18 33.47 14.64 6.80
CA GLY B 18 34.56 15.25 6.05
C GLY B 18 35.25 14.35 5.04
N LYS B 19 34.90 13.07 4.99
CA LYS B 19 35.47 12.11 4.03
C LYS B 19 34.50 11.88 2.88
N SER B 20 35.01 11.94 1.63
N SER B 20 35.00 11.98 1.62
CA SER B 20 34.23 11.71 0.41
CA SER B 20 34.20 11.76 0.42
C SER B 20 33.64 10.30 0.40
C SER B 20 33.65 10.34 0.40
N ASN B 21 32.43 10.18 -0.12
CA ASN B 21 31.70 8.91 -0.15
C ASN B 21 30.68 8.98 -1.30
N PHE B 22 29.74 8.03 -1.34
CA PHE B 22 28.68 8.00 -2.33
C PHE B 22 27.37 7.83 -1.61
N LEU B 23 26.38 8.65 -1.98
CA LEU B 23 25.02 8.62 -1.43
C LEU B 23 24.16 7.87 -2.43
N ASN B 24 23.50 6.82 -1.95
CA ASN B 24 22.66 5.93 -2.75
C ASN B 24 21.22 5.98 -2.34
N CYS B 25 20.33 5.86 -3.33
CA CYS B 25 18.92 5.67 -3.05
C CYS B 25 18.48 4.53 -3.92
N TYR B 26 18.18 3.41 -3.30
CA TYR B 26 17.76 2.20 -3.98
C TYR B 26 16.25 2.06 -3.88
N VAL B 27 15.57 2.09 -5.04
N VAL B 27 15.59 2.05 -5.04
CA VAL B 27 14.11 1.90 -5.15
CA VAL B 27 14.14 1.93 -5.15
C VAL B 27 13.85 0.57 -5.84
C VAL B 27 13.85 0.59 -5.84
N SER B 28 12.98 -0.25 -5.26
CA SER B 28 12.68 -1.58 -5.79
C SER B 28 11.25 -2.01 -5.53
N GLY B 29 10.84 -3.10 -6.17
CA GLY B 29 9.53 -3.68 -5.97
C GLY B 29 8.36 -2.89 -6.55
N PHE B 30 8.64 -1.94 -7.46
CA PHE B 30 7.58 -1.09 -8.02
C PHE B 30 7.14 -1.48 -9.43
N HIS B 31 5.89 -1.13 -9.73
CA HIS B 31 5.26 -1.32 -11.02
C HIS B 31 4.09 -0.34 -11.10
N PRO B 32 3.94 0.49 -12.17
CA PRO B 32 4.75 0.57 -13.40
C PRO B 32 6.12 1.20 -13.18
N SER B 33 6.94 1.23 -14.24
CA SER B 33 8.33 1.70 -14.19
C SER B 33 8.51 3.21 -14.02
N ASP B 34 7.50 4.05 -14.37
CA ASP B 34 7.71 5.49 -14.22
C ASP B 34 7.79 5.84 -12.76
N ILE B 35 8.88 6.51 -12.41
CA ILE B 35 9.18 6.90 -11.04
C ILE B 35 10.03 8.17 -11.05
N GLU B 36 9.83 8.98 -10.03
CA GLU B 36 10.60 10.19 -9.83
C GLU B 36 11.37 10.00 -8.54
N VAL B 37 12.71 10.09 -8.65
N VAL B 37 12.67 10.17 -8.60
CA VAL B 37 13.64 9.90 -7.52
CA VAL B 37 13.47 10.07 -7.39
C VAL B 37 14.64 11.07 -7.48
C VAL B 37 14.59 11.08 -7.45
N ASP B 38 14.73 11.78 -6.33
CA ASP B 38 15.69 12.86 -6.16
C ASP B 38 16.46 12.65 -4.89
N LEU B 39 17.75 12.94 -4.93
CA LEU B 39 18.59 12.93 -3.75
C LEU B 39 18.55 14.36 -3.25
N LEU B 40 18.35 14.56 -1.94
CA LEU B 40 18.21 15.89 -1.35
C LEU B 40 19.36 16.21 -0.42
N LYS B 41 19.86 17.45 -0.51
CA LYS B 41 20.84 18.00 0.42
C LYS B 41 20.11 19.18 1.05
N ASN B 42 19.86 19.10 2.36
CA ASN B 42 19.15 20.11 3.14
C ASN B 42 17.78 20.46 2.50
N GLY B 43 17.09 19.41 2.06
CA GLY B 43 15.77 19.50 1.42
C GLY B 43 15.77 19.95 -0.04
N GLU B 44 16.96 20.15 -0.60
CA GLU B 44 17.14 20.62 -1.97
C GLU B 44 17.64 19.55 -2.90
N ARG B 45 17.05 19.52 -4.09
CA ARG B 45 17.38 18.58 -5.13
C ARG B 45 18.85 18.70 -5.55
N ILE B 46 19.59 17.58 -5.47
CA ILE B 46 20.98 17.51 -5.92
C ILE B 46 20.93 17.30 -7.44
N GLU B 47 21.71 18.10 -8.17
CA GLU B 47 21.76 18.00 -9.62
C GLU B 47 22.83 17.00 -10.04
N LYS B 48 22.69 16.46 -11.26
CA LYS B 48 23.65 15.53 -11.85
C LYS B 48 23.79 14.24 -11.04
N VAL B 49 22.67 13.78 -10.45
CA VAL B 49 22.58 12.51 -9.77
C VAL B 49 22.50 11.48 -10.91
N GLU B 50 23.26 10.41 -10.80
CA GLU B 50 23.25 9.37 -11.82
C GLU B 50 22.35 8.21 -11.38
N HIS B 51 21.94 7.39 -12.34
CA HIS B 51 21.10 6.24 -12.03
C HIS B 51 21.45 5.03 -12.86
N SER B 52 21.14 3.85 -12.31
CA SER B 52 21.36 2.58 -12.98
C SER B 52 20.36 2.41 -14.12
N ASP B 53 20.64 1.47 -15.01
CA ASP B 53 19.77 1.13 -16.12
C ASP B 53 18.63 0.27 -15.61
N LEU B 54 17.40 0.60 -16.04
CA LEU B 54 16.18 -0.07 -15.62
C LEU B 54 16.24 -1.58 -15.78
N SER B 55 15.96 -2.27 -14.68
CA SER B 55 15.95 -3.72 -14.64
C SER B 55 14.85 -4.19 -13.72
N PHE B 56 14.61 -5.49 -13.70
CA PHE B 56 13.50 -5.99 -12.90
C PHE B 56 13.79 -7.31 -12.30
N SER B 57 13.01 -7.64 -11.26
N SER B 57 13.04 -7.65 -11.25
CA SER B 57 13.10 -8.86 -10.47
CA SER B 57 13.17 -8.88 -10.50
C SER B 57 12.26 -9.98 -11.08
C SER B 57 12.32 -9.99 -11.10
N LYS B 58 12.41 -11.20 -10.53
CA LYS B 58 11.70 -12.42 -10.93
C LYS B 58 10.17 -12.21 -11.04
N ASP B 59 9.59 -11.45 -10.09
CA ASP B 59 8.17 -11.12 -10.02
C ASP B 59 7.76 -9.94 -10.91
N TRP B 60 8.67 -9.46 -11.82
CA TRP B 60 8.48 -8.35 -12.77
C TRP B 60 8.58 -6.95 -12.18
N SER B 61 8.75 -6.82 -10.84
CA SER B 61 8.86 -5.50 -10.24
C SER B 61 10.23 -4.89 -10.54
N PHE B 62 10.24 -3.59 -10.84
CA PHE B 62 11.42 -2.85 -11.22
C PHE B 62 12.29 -2.39 -10.06
N TYR B 63 13.56 -2.16 -10.39
CA TYR B 63 14.50 -1.61 -9.43
C TYR B 63 15.47 -0.66 -10.11
N LEU B 64 15.88 0.39 -9.36
CA LEU B 64 16.81 1.42 -9.84
C LEU B 64 17.67 1.89 -8.68
N LEU B 65 18.92 2.24 -8.98
CA LEU B 65 19.84 2.81 -8.02
C LEU B 65 20.18 4.21 -8.48
N TYR B 66 19.92 5.21 -7.62
CA TYR B 66 20.27 6.60 -7.89
C TYR B 66 21.42 6.88 -6.96
N TYR B 67 22.45 7.56 -7.47
CA TYR B 67 23.63 7.80 -6.67
C TYR B 67 24.36 9.08 -7.04
N THR B 68 25.09 9.63 -6.07
CA THR B 68 25.91 10.82 -6.24
C THR B 68 27.04 10.81 -5.21
N GLU B 69 28.15 11.45 -5.53
CA GLU B 69 29.27 11.64 -4.63
C GLU B 69 28.84 12.67 -3.59
N PHE B 70 29.17 12.44 -2.32
CA PHE B 70 28.92 13.42 -1.28
C PHE B 70 29.99 13.32 -0.21
N THR B 71 30.05 14.33 0.64
CA THR B 71 30.97 14.37 1.77
C THR B 71 30.06 14.65 2.95
N PRO B 72 29.68 13.62 3.73
CA PRO B 72 28.79 13.88 4.88
C PRO B 72 29.47 14.75 5.93
N THR B 73 28.67 15.54 6.64
CA THR B 73 29.11 16.39 7.75
C THR B 73 28.16 16.10 8.92
N GLU B 74 28.41 16.72 10.08
CA GLU B 74 27.55 16.54 11.24
C GLU B 74 26.15 17.16 11.04
N LYS B 75 26.09 18.36 10.44
CA LYS B 75 24.85 19.13 10.33
C LYS B 75 24.09 19.03 9.00
N ASP B 76 24.76 18.68 7.89
CA ASP B 76 24.01 18.58 6.63
C ASP B 76 23.10 17.37 6.63
N GLU B 77 21.89 17.57 6.11
CA GLU B 77 20.88 16.53 6.06
C GLU B 77 20.74 16.02 4.63
N TYR B 78 20.76 14.69 4.46
CA TYR B 78 20.58 14.05 3.16
C TYR B 78 19.33 13.21 3.19
N ALA B 79 18.67 13.10 2.03
CA ALA B 79 17.43 12.34 1.94
C ALA B 79 17.19 11.88 0.51
N CYS B 80 16.21 11.03 0.36
CA CYS B 80 15.78 10.59 -0.94
C CYS B 80 14.28 10.83 -1.03
N ARG B 81 13.84 11.51 -2.08
N ARG B 81 13.84 11.52 -2.08
CA ARG B 81 12.42 11.79 -2.31
CA ARG B 81 12.44 11.83 -2.32
C ARG B 81 11.95 10.97 -3.50
C ARG B 81 11.94 11.00 -3.50
N VAL B 82 10.86 10.22 -3.29
CA VAL B 82 10.29 9.34 -4.31
C VAL B 82 8.83 9.66 -4.59
N ASN B 83 8.48 9.73 -5.88
CA ASN B 83 7.08 9.86 -6.27
C ASN B 83 6.77 8.77 -7.29
N HIS B 84 5.60 8.16 -7.14
CA HIS B 84 5.11 7.06 -7.96
C HIS B 84 3.58 7.14 -7.93
N VAL B 85 2.92 6.59 -8.97
CA VAL B 85 1.45 6.58 -9.08
C VAL B 85 0.76 5.95 -7.86
N THR B 86 1.45 5.03 -7.16
CA THR B 86 0.93 4.36 -5.95
C THR B 86 0.99 5.23 -4.69
N LEU B 87 1.64 6.41 -4.76
CA LEU B 87 1.79 7.30 -3.62
C LEU B 87 0.90 8.53 -3.75
N SER B 88 0.07 8.80 -2.72
CA SER B 88 -0.84 9.96 -2.71
C SER B 88 -0.04 11.26 -2.59
N GLN B 89 1.19 11.16 -2.05
CA GLN B 89 2.13 12.26 -1.93
C GLN B 89 3.57 11.75 -2.01
N PRO B 90 4.52 12.58 -2.47
CA PRO B 90 5.93 12.14 -2.49
C PRO B 90 6.41 11.70 -1.11
N LYS B 91 7.17 10.60 -1.07
CA LYS B 91 7.70 10.06 0.17
C LYS B 91 9.16 10.46 0.30
N ILE B 92 9.52 11.06 1.45
CA ILE B 92 10.90 11.46 1.74
C ILE B 92 11.45 10.51 2.80
N VAL B 93 12.56 9.82 2.48
CA VAL B 93 13.26 8.94 3.41
C VAL B 93 14.57 9.65 3.72
N LYS B 94 14.80 9.96 5.00
CA LYS B 94 16.00 10.67 5.43
C LYS B 94 17.18 9.73 5.52
N TRP B 95 18.36 10.23 5.15
CA TRP B 95 19.57 9.44 5.26
C TRP B 95 19.99 9.42 6.71
N ASP B 96 20.21 8.21 7.23
N ASP B 96 20.21 8.21 7.22
CA ASP B 96 20.69 7.95 8.58
CA ASP B 96 20.70 7.94 8.57
C ASP B 96 21.94 7.09 8.41
C ASP B 96 21.95 7.10 8.40
N ARG B 97 23.11 7.61 8.82
CA ARG B 97 24.39 6.89 8.69
C ARG B 97 24.42 5.51 9.38
N ASP B 98 23.50 5.29 10.32
CA ASP B 98 23.36 4.04 11.07
C ASP B 98 22.47 3.00 10.36
N MET B 99 21.98 3.33 9.14
CA MET B 99 21.10 2.43 8.36
C MET B 99 21.49 2.37 6.88
N GLY C 1 -18.89 -10.57 16.35
CA GLY C 1 -19.99 -10.41 17.29
C GLY C 1 -21.37 -10.24 16.67
N SER C 2 -22.46 -10.48 17.45
CA SER C 2 -23.84 -10.36 16.94
C SER C 2 -24.36 -8.92 16.99
N HIS C 3 -24.13 -8.24 18.12
CA HIS C 3 -24.50 -6.85 18.31
C HIS C 3 -23.39 -6.15 19.06
N SER C 4 -23.29 -4.82 18.91
N SER C 4 -23.29 -4.82 18.89
CA SER C 4 -22.28 -4.03 19.59
CA SER C 4 -22.27 -4.00 19.53
C SER C 4 -22.80 -2.67 20.01
C SER C 4 -22.79 -2.64 19.94
N MET C 5 -22.19 -2.09 21.04
N MET C 5 -22.20 -2.05 20.99
CA MET C 5 -22.40 -0.71 21.43
CA MET C 5 -22.46 -0.68 21.39
C MET C 5 -21.03 -0.08 21.41
C MET C 5 -21.10 -0.02 21.49
N ARG C 6 -20.87 1.04 20.69
CA ARG C 6 -19.56 1.70 20.60
C ARG C 6 -19.70 3.18 20.71
N TYR C 7 -18.70 3.82 21.32
CA TYR C 7 -18.57 5.26 21.39
C TYR C 7 -17.28 5.67 20.69
N PHE C 8 -17.35 6.80 19.99
CA PHE C 8 -16.23 7.38 19.26
C PHE C 8 -16.07 8.81 19.75
N PHE C 9 -14.92 9.11 20.38
CA PHE C 9 -14.59 10.44 20.87
C PHE C 9 -13.47 11.03 20.01
N THR C 10 -13.63 12.30 19.63
CA THR C 10 -12.62 13.05 18.89
C THR C 10 -12.48 14.43 19.52
N SER C 11 -11.23 14.84 19.80
N SER C 11 -11.25 14.86 19.79
CA SER C 11 -10.91 16.17 20.34
CA SER C 11 -11.01 16.21 20.29
C SER C 11 -9.83 16.79 19.47
C SER C 11 -9.86 16.81 19.50
N VAL C 12 -10.03 18.03 19.01
CA VAL C 12 -9.08 18.70 18.09
C VAL C 12 -8.70 20.06 18.64
N SER C 13 -7.41 20.30 18.84
CA SER C 13 -7.00 21.59 19.40
C SER C 13 -7.10 22.66 18.29
N ARG C 14 -7.43 23.88 18.69
CA ARG C 14 -7.60 25.04 17.82
C ARG C 14 -6.80 26.18 18.45
N PRO C 15 -5.45 26.13 18.47
CA PRO C 15 -4.68 27.19 19.13
C PRO C 15 -5.06 28.59 18.66
N GLY C 16 -5.28 29.48 19.61
CA GLY C 16 -5.67 30.87 19.36
C GLY C 16 -7.15 31.04 19.04
N ARG C 17 -7.94 29.95 19.07
CA ARG C 17 -9.38 29.98 18.75
C ARG C 17 -10.23 29.42 19.92
N GLY C 18 -9.72 29.47 21.13
CA GLY C 18 -10.43 28.98 22.30
C GLY C 18 -10.18 27.51 22.56
N GLU C 19 -11.16 26.87 23.18
CA GLU C 19 -11.04 25.49 23.61
C GLU C 19 -11.11 24.50 22.47
N PRO C 20 -10.46 23.32 22.64
CA PRO C 20 -10.53 22.30 21.60
C PRO C 20 -11.97 21.86 21.35
N ARG C 21 -12.26 21.47 20.13
CA ARG C 21 -13.56 20.95 19.77
C ARG C 21 -13.61 19.53 20.32
N PHE C 22 -14.75 19.12 20.90
CA PHE C 22 -14.92 17.74 21.37
C PHE C 22 -16.21 17.20 20.80
N ILE C 23 -16.16 16.03 20.13
CA ILE C 23 -17.33 15.42 19.55
C ILE C 23 -17.38 13.96 20.02
N ALA C 24 -18.55 13.54 20.50
CA ALA C 24 -18.77 12.16 20.90
C ALA C 24 -19.98 11.62 20.15
N VAL C 25 -19.85 10.42 19.60
N VAL C 25 -19.86 10.41 19.63
CA VAL C 25 -20.97 9.74 18.95
CA VAL C 25 -20.93 9.74 18.87
C VAL C 25 -21.10 8.34 19.53
C VAL C 25 -21.08 8.29 19.39
N GLY C 26 -22.32 7.87 19.63
CA GLY C 26 -22.64 6.54 20.13
C GLY C 26 -23.40 5.80 19.07
N TYR C 27 -23.03 4.51 18.89
CA TYR C 27 -23.68 3.62 17.93
C TYR C 27 -24.10 2.34 18.58
N VAL C 28 -25.17 1.77 18.06
CA VAL C 28 -25.55 0.40 18.33
C VAL C 28 -25.43 -0.22 16.94
N ASP C 29 -24.51 -1.19 16.77
CA ASP C 29 -24.23 -1.78 15.45
C ASP C 29 -23.91 -0.66 14.43
N ASP C 30 -24.60 -0.63 13.27
CA ASP C 30 -24.35 0.40 12.25
C ASP C 30 -25.25 1.62 12.40
N THR C 31 -26.01 1.69 13.51
CA THR C 31 -26.96 2.76 13.74
C THR C 31 -26.50 3.75 14.82
N GLN C 32 -26.41 5.04 14.46
CA GLN C 32 -26.04 6.06 15.44
C GLN C 32 -27.24 6.31 16.35
N PHE C 33 -27.00 6.50 17.65
CA PHE C 33 -28.13 6.79 18.52
C PHE C 33 -27.95 8.05 19.37
N VAL C 34 -26.71 8.52 19.57
CA VAL C 34 -26.45 9.74 20.37
C VAL C 34 -25.28 10.54 19.83
N ARG C 35 -25.22 11.80 20.23
CA ARG C 35 -24.13 12.70 19.88
C ARG C 35 -23.99 13.79 20.95
N PHE C 36 -22.76 14.31 21.07
CA PHE C 36 -22.44 15.48 21.88
C PHE C 36 -21.42 16.25 21.05
N ASP C 37 -21.66 17.55 20.85
CA ASP C 37 -20.73 18.40 20.12
C ASP C 37 -20.52 19.63 21.00
N SER C 38 -19.28 19.80 21.49
CA SER C 38 -18.91 20.89 22.42
C SER C 38 -19.22 22.29 21.83
N ASP C 39 -19.26 22.41 20.50
CA ASP C 39 -19.55 23.67 19.81
C ASP C 39 -21.04 23.96 19.67
N ALA C 40 -21.89 22.93 19.87
CA ALA C 40 -23.34 23.08 19.70
C ALA C 40 -24.00 23.87 20.81
N ALA C 41 -25.21 24.39 20.54
CA ALA C 41 -25.96 25.24 21.47
C ALA C 41 -26.54 24.50 22.67
N SER C 42 -27.02 23.25 22.46
CA SER C 42 -27.65 22.49 23.52
C SER C 42 -26.78 22.24 24.75
N GLN C 43 -25.48 21.91 24.56
CA GLN C 43 -24.57 21.51 25.66
C GLN C 43 -25.13 20.28 26.39
N ARG C 44 -25.87 19.45 25.64
CA ARG C 44 -26.47 18.21 26.16
C ARG C 44 -26.11 17.05 25.27
N MET C 45 -26.17 15.84 25.85
CA MET C 45 -26.10 14.64 25.03
C MET C 45 -27.44 14.67 24.28
N GLU C 46 -27.42 14.46 22.96
N GLU C 46 -27.42 14.46 22.97
CA GLU C 46 -28.62 14.55 22.14
CA GLU C 46 -28.62 14.55 22.14
C GLU C 46 -29.03 13.22 21.53
C GLU C 46 -29.03 13.22 21.53
N PRO C 47 -30.34 12.94 21.39
CA PRO C 47 -30.78 11.70 20.71
C PRO C 47 -30.56 11.83 19.19
N ARG C 48 -30.19 10.71 18.55
CA ARG C 48 -29.96 10.67 17.11
C ARG C 48 -30.66 9.47 16.48
N ALA C 49 -31.50 8.80 17.29
CA ALA C 49 -32.33 7.66 16.91
C ALA C 49 -33.68 7.81 17.62
N PRO C 50 -34.82 7.50 16.95
CA PRO C 50 -36.13 7.67 17.61
C PRO C 50 -36.33 6.80 18.86
N TRP C 51 -35.76 5.58 18.87
CA TRP C 51 -35.90 4.66 19.99
C TRP C 51 -35.18 5.09 21.28
N ILE C 52 -34.22 6.03 21.22
CA ILE C 52 -33.51 6.47 22.43
C ILE C 52 -34.24 7.64 23.10
N GLU C 53 -35.10 8.34 22.33
CA GLU C 53 -35.85 9.52 22.79
C GLU C 53 -36.74 9.23 23.97
N GLN C 54 -37.21 7.97 24.08
CA GLN C 54 -38.07 7.48 25.15
C GLN C 54 -37.39 7.45 26.53
N GLU C 55 -36.05 7.48 26.59
CA GLU C 55 -35.33 7.53 27.86
C GLU C 55 -35.70 8.83 28.56
N GLY C 56 -35.92 8.74 29.86
CA GLY C 56 -36.34 9.85 30.69
C GLY C 56 -35.26 10.88 30.99
N PRO C 57 -35.62 11.99 31.68
N PRO C 57 -35.63 12.00 31.67
CA PRO C 57 -34.63 13.04 31.97
CA PRO C 57 -34.64 13.04 31.97
C PRO C 57 -33.45 12.59 32.84
C PRO C 57 -33.45 12.60 32.83
N GLU C 58 -33.63 11.56 33.69
CA GLU C 58 -32.57 11.01 34.56
C GLU C 58 -31.45 10.45 33.67
N TYR C 59 -31.83 9.70 32.60
CA TYR C 59 -30.90 9.17 31.63
C TYR C 59 -30.16 10.35 30.95
N TRP C 60 -30.90 11.31 30.35
CA TRP C 60 -30.29 12.43 29.63
C TRP C 60 -29.40 13.32 30.48
N ASP C 61 -29.79 13.59 31.73
CA ASP C 61 -28.98 14.39 32.66
C ASP C 61 -27.66 13.65 32.97
N GLY C 62 -27.76 12.33 33.19
CA GLY C 62 -26.62 11.49 33.49
C GLY C 62 -25.64 11.39 32.34
N GLU C 63 -26.17 11.20 31.12
CA GLU C 63 -25.33 11.12 29.93
C GLU C 63 -24.65 12.47 29.66
N THR C 64 -25.39 13.58 29.83
CA THR C 64 -24.88 14.95 29.65
C THR C 64 -23.73 15.22 30.65
N ARG C 65 -23.93 14.84 31.93
N ARG C 65 -23.92 14.85 31.93
CA ARG C 65 -22.94 15.03 32.98
CA ARG C 65 -22.91 15.05 32.95
C ARG C 65 -21.64 14.25 32.66
C ARG C 65 -21.63 14.27 32.60
N LYS C 66 -21.77 12.99 32.23
CA LYS C 66 -20.61 12.15 31.89
C LYS C 66 -19.90 12.69 30.64
N VAL C 67 -20.65 13.04 29.59
CA VAL C 67 -20.05 13.47 28.33
C VAL C 67 -19.30 14.80 28.48
N LYS C 68 -19.79 15.68 29.36
CA LYS C 68 -19.13 16.96 29.65
C LYS C 68 -17.83 16.70 30.41
N ALA C 69 -17.84 15.71 31.31
CA ALA C 69 -16.64 15.30 32.04
C ALA C 69 -15.60 14.71 31.04
N HIS C 70 -16.06 13.88 30.08
N HIS C 70 -16.07 13.87 30.09
CA HIS C 70 -15.21 13.28 29.04
CA HIS C 70 -15.23 13.27 29.04
C HIS C 70 -14.64 14.36 28.14
C HIS C 70 -14.68 14.37 28.14
N SER C 71 -15.47 15.36 27.79
N SER C 71 -15.51 15.37 27.79
CA SER C 71 -15.04 16.52 26.99
CA SER C 71 -15.09 16.51 26.98
C SER C 71 -13.88 17.22 27.70
C SER C 71 -13.92 17.22 27.65
N GLN C 72 -14.00 17.44 29.01
N GLN C 72 -14.01 17.46 28.97
CA GLN C 72 -12.96 18.12 29.77
CA GLN C 72 -12.95 18.13 29.72
C GLN C 72 -11.64 17.36 29.85
C GLN C 72 -11.65 17.35 29.75
N THR C 73 -11.68 16.04 30.04
CA THR C 73 -10.44 15.23 30.11
C THR C 73 -9.76 15.14 28.75
N HIS C 74 -10.54 14.96 27.66
CA HIS C 74 -9.95 14.84 26.31
C HIS C 74 -9.39 16.16 25.77
N ARG C 75 -9.97 17.29 26.21
CA ARG C 75 -9.47 18.62 25.83
C ARG C 75 -8.11 18.85 26.48
N VAL C 76 -7.99 18.50 27.77
CA VAL C 76 -6.75 18.62 28.55
C VAL C 76 -5.68 17.64 28.03
N ASP C 77 -6.09 16.42 27.60
CA ASP C 77 -5.20 15.40 27.02
C ASP C 77 -4.36 15.98 25.88
N LEU C 78 -4.94 16.91 25.10
CA LEU C 78 -4.19 17.55 24.00
C LEU C 78 -2.96 18.28 24.53
N GLY C 79 -3.09 18.93 25.68
CA GLY C 79 -1.96 19.62 26.32
C GLY C 79 -0.97 18.62 26.87
N THR C 80 -1.48 17.55 27.54
CA THR C 80 -0.62 16.49 28.10
C THR C 80 0.24 15.86 26.99
N LEU C 81 -0.40 15.40 25.91
CA LEU C 81 0.26 14.74 24.81
C LEU C 81 1.20 15.65 24.03
N ARG C 82 0.87 16.94 23.91
CA ARG C 82 1.75 17.90 23.23
C ARG C 82 3.08 17.96 24.02
N GLY C 83 2.97 17.87 25.35
CA GLY C 83 4.12 17.85 26.26
C GLY C 83 4.96 16.59 26.07
N TYR C 84 4.28 15.42 25.99
CA TYR C 84 4.94 14.12 25.82
C TYR C 84 5.74 14.05 24.52
N TYR C 85 5.26 14.72 23.46
CA TYR C 85 5.89 14.69 22.14
C TYR C 85 6.70 15.94 21.85
N ASN C 86 6.87 16.82 22.86
CA ASN C 86 7.68 18.06 22.77
C ASN C 86 7.25 18.92 21.58
N GLN C 87 5.94 19.09 21.43
CA GLN C 87 5.37 19.87 20.33
C GLN C 87 5.06 21.28 20.72
N SER C 88 5.09 22.20 19.76
CA SER C 88 4.80 23.60 20.08
C SER C 88 3.30 23.81 20.26
N GLU C 89 2.92 24.93 20.86
CA GLU C 89 1.52 25.30 21.12
C GLU C 89 0.82 25.84 19.88
N ALA C 90 1.55 26.03 18.76
CA ALA C 90 1.04 26.64 17.54
C ALA C 90 0.13 25.75 16.66
N GLY C 91 0.42 24.45 16.59
CA GLY C 91 -0.29 23.53 15.70
C GLY C 91 -1.51 22.84 16.28
N SER C 92 -2.40 22.40 15.40
CA SER C 92 -3.62 21.69 15.77
C SER C 92 -3.28 20.20 15.83
N HIS C 93 -3.73 19.54 16.89
CA HIS C 93 -3.52 18.11 17.08
C HIS C 93 -4.82 17.42 17.38
N THR C 94 -4.81 16.09 17.28
CA THR C 94 -6.04 15.31 17.48
C THR C 94 -5.88 14.17 18.46
N VAL C 95 -6.90 13.97 19.29
N VAL C 95 -6.87 13.98 19.31
CA VAL C 95 -7.03 12.87 20.21
CA VAL C 95 -6.97 12.82 20.17
C VAL C 95 -8.28 12.09 19.75
C VAL C 95 -8.26 12.07 19.77
N GLN C 96 -8.20 10.74 19.71
CA GLN C 96 -9.34 9.90 19.37
C GLN C 96 -9.38 8.74 20.33
N ARG C 97 -10.59 8.39 20.77
CA ARG C 97 -10.77 7.26 21.65
C ARG C 97 -12.01 6.51 21.18
N MET C 98 -11.91 5.19 21.01
CA MET C 98 -13.05 4.34 20.63
C MET C 98 -13.08 3.17 21.59
N TYR C 99 -14.27 2.78 22.03
CA TYR C 99 -14.41 1.65 22.94
C TYR C 99 -15.81 1.08 22.77
N GLY C 100 -16.00 -0.13 23.26
CA GLY C 100 -17.31 -0.74 23.20
C GLY C 100 -17.33 -2.19 23.62
N CYS C 101 -18.51 -2.79 23.50
CA CYS C 101 -18.71 -4.18 23.87
C CYS C 101 -19.55 -4.86 22.81
N ASP C 102 -19.31 -6.17 22.63
CA ASP C 102 -20.06 -7.00 21.71
C ASP C 102 -20.71 -8.09 22.50
N VAL C 103 -21.88 -8.49 22.03
CA VAL C 103 -22.60 -9.59 22.59
C VAL C 103 -22.72 -10.67 21.53
N GLY C 104 -22.90 -11.91 21.97
CA GLY C 104 -23.11 -13.04 21.08
C GLY C 104 -24.59 -13.13 20.69
N SER C 105 -24.96 -14.19 19.95
CA SER C 105 -26.33 -14.41 19.50
C SER C 105 -27.34 -14.49 20.64
N ASP C 106 -26.86 -14.84 21.85
CA ASP C 106 -27.65 -14.96 23.07
C ASP C 106 -27.72 -13.66 23.87
N TRP C 107 -27.17 -12.58 23.31
CA TRP C 107 -27.09 -11.25 23.92
C TRP C 107 -26.24 -11.20 25.18
N ARG C 108 -25.40 -12.23 25.38
CA ARG C 108 -24.46 -12.26 26.50
C ARG C 108 -23.11 -11.78 26.02
N PHE C 109 -22.33 -11.21 26.95
CA PHE C 109 -20.99 -10.69 26.67
C PHE C 109 -20.15 -11.58 25.78
N LEU C 110 -19.52 -10.98 24.77
CA LEU C 110 -18.59 -11.69 23.92
C LEU C 110 -17.17 -11.07 24.02
N ARG C 111 -17.06 -9.74 23.83
CA ARG C 111 -15.76 -9.07 23.86
C ARG C 111 -15.93 -7.61 24.20
N GLY C 112 -14.83 -6.99 24.59
CA GLY C 112 -14.75 -5.58 24.87
C GLY C 112 -13.50 -5.05 24.23
N TYR C 113 -13.49 -3.75 23.92
CA TYR C 113 -12.30 -3.13 23.32
C TYR C 113 -12.22 -1.69 23.67
N HIS C 114 -11.00 -1.13 23.61
CA HIS C 114 -10.74 0.27 23.95
C HIS C 114 -9.41 0.65 23.37
N GLN C 115 -9.44 1.66 22.49
CA GLN C 115 -8.24 2.16 21.82
C GLN C 115 -8.19 3.66 21.86
N TYR C 116 -6.96 4.19 21.99
CA TYR C 116 -6.72 5.61 22.05
C TYR C 116 -5.64 5.92 21.00
N ALA C 117 -5.82 7.03 20.28
CA ALA C 117 -4.85 7.46 19.27
C ALA C 117 -4.55 8.93 19.39
N TYR C 118 -3.31 9.30 19.02
CA TYR C 118 -2.91 10.68 19.03
C TYR C 118 -2.39 11.00 17.64
N ASP C 119 -2.94 12.07 17.05
CA ASP C 119 -2.64 12.49 15.68
C ASP C 119 -2.85 11.37 14.66
N GLY C 120 -3.94 10.63 14.83
CA GLY C 120 -4.34 9.54 13.93
C GLY C 120 -3.49 8.29 13.95
N LYS C 121 -2.65 8.11 14.98
CA LYS C 121 -1.77 6.95 15.17
C LYS C 121 -2.08 6.30 16.49
N ASP C 122 -1.94 4.97 16.55
CA ASP C 122 -2.13 4.21 17.79
C ASP C 122 -1.30 4.82 18.88
N TYR C 123 -1.91 4.91 20.07
CA TYR C 123 -1.23 5.41 21.27
C TYR C 123 -1.27 4.31 22.31
N ILE C 124 -2.45 3.95 22.81
CA ILE C 124 -2.59 2.87 23.78
C ILE C 124 -3.87 2.07 23.53
N ALA C 125 -3.81 0.74 23.68
CA ALA C 125 -5.00 -0.09 23.50
C ALA C 125 -5.11 -1.13 24.57
N LEU C 126 -6.36 -1.41 24.98
CA LEU C 126 -6.63 -2.48 25.93
C LEU C 126 -6.49 -3.77 25.10
N LYS C 127 -5.84 -4.77 25.69
CA LYS C 127 -5.67 -6.04 24.98
C LYS C 127 -6.98 -6.82 25.02
N GLU C 128 -7.10 -7.83 24.16
CA GLU C 128 -8.34 -8.60 24.03
C GLU C 128 -8.71 -9.37 25.30
N ASP C 129 -7.70 -9.72 26.15
CA ASP C 129 -7.99 -10.38 27.42
C ASP C 129 -8.57 -9.44 28.48
N LEU C 130 -8.63 -8.13 28.19
CA LEU C 130 -9.17 -7.04 29.05
C LEU C 130 -8.43 -6.89 30.38
N ARG C 131 -7.20 -7.39 30.47
CA ARG C 131 -6.40 -7.38 31.70
C ARG C 131 -5.01 -6.79 31.48
N SER C 132 -4.72 -6.33 30.27
CA SER C 132 -3.40 -5.81 29.89
C SER C 132 -3.50 -4.77 28.77
N TRP C 133 -2.41 -4.04 28.54
CA TRP C 133 -2.38 -2.95 27.58
C TRP C 133 -1.26 -3.09 26.59
N THR C 134 -1.42 -2.42 25.44
CA THR C 134 -0.38 -2.31 24.42
C THR C 134 -0.10 -0.84 24.22
N ALA C 135 1.14 -0.44 24.55
CA ALA C 135 1.59 0.93 24.33
C ALA C 135 2.28 0.91 22.97
N ALA C 136 1.84 1.81 22.07
CA ALA C 136 2.36 1.84 20.71
C ALA C 136 3.77 2.43 20.57
N ASP C 137 4.15 3.33 21.47
CA ASP C 137 5.46 4.00 21.41
C ASP C 137 5.99 4.26 22.82
N MET C 138 7.10 5.01 22.90
N MET C 138 7.09 5.02 22.90
CA MET C 138 7.71 5.34 24.19
CA MET C 138 7.73 5.36 24.18
C MET C 138 6.88 6.30 25.04
C MET C 138 6.85 6.29 25.04
N ALA C 139 6.22 7.30 24.41
CA ALA C 139 5.35 8.24 25.14
C ALA C 139 4.20 7.49 25.82
N ALA C 140 3.56 6.55 25.08
CA ALA C 140 2.45 5.75 25.62
C ALA C 140 2.84 4.86 26.80
N GLN C 141 4.14 4.54 26.94
CA GLN C 141 4.62 3.80 28.12
C GLN C 141 4.32 4.53 29.42
N THR C 142 4.30 5.88 29.41
CA THR C 142 3.93 6.67 30.61
C THR C 142 2.51 6.32 31.03
N THR C 143 1.56 6.29 30.06
CA THR C 143 0.17 5.97 30.32
C THR C 143 0.00 4.52 30.76
N LYS C 144 0.69 3.57 30.08
N LYS C 144 0.69 3.58 30.08
CA LYS C 144 0.62 2.14 30.42
CA LYS C 144 0.63 2.16 30.41
C LYS C 144 1.08 1.87 31.86
C LYS C 144 1.07 1.88 31.86
N HIS C 145 2.23 2.41 32.26
CA HIS C 145 2.74 2.26 33.64
C HIS C 145 1.72 2.82 34.64
N LYS C 146 1.18 4.01 34.36
CA LYS C 146 0.17 4.65 35.23
C LYS C 146 -1.09 3.78 35.35
N TRP C 147 -1.63 3.33 34.20
CA TRP C 147 -2.87 2.55 34.22
C TRP C 147 -2.68 1.15 34.83
N GLU C 148 -1.49 0.56 34.72
CA GLU C 148 -1.22 -0.72 35.36
C GLU C 148 -1.20 -0.54 36.87
N ALA C 149 -0.49 0.51 37.35
CA ALA C 149 -0.42 0.80 38.79
C ALA C 149 -1.77 1.08 39.41
N ALA C 150 -2.66 1.77 38.67
CA ALA C 150 -4.02 2.13 39.09
C ALA C 150 -5.08 1.03 38.87
N HIS C 151 -4.72 -0.07 38.18
CA HIS C 151 -5.62 -1.18 37.84
C HIS C 151 -6.81 -0.68 37.02
N VAL C 152 -6.54 0.24 36.08
CA VAL C 152 -7.58 0.81 35.20
C VAL C 152 -8.34 -0.32 34.46
N ALA C 153 -7.60 -1.33 33.94
CA ALA C 153 -8.16 -2.48 33.21
C ALA C 153 -9.28 -3.15 34.00
N GLU C 154 -9.12 -3.30 35.33
CA GLU C 154 -10.16 -3.91 36.16
C GLU C 154 -11.49 -3.11 36.16
N GLN C 155 -11.41 -1.77 36.30
CA GLN C 155 -12.58 -0.90 36.30
C GLN C 155 -13.21 -0.87 34.91
N LEU C 156 -12.37 -0.78 33.86
CA LEU C 156 -12.84 -0.79 32.48
C LEU C 156 -13.50 -2.11 32.12
N ARG C 157 -12.89 -3.26 32.52
CA ARG C 157 -13.44 -4.60 32.26
C ARG C 157 -14.83 -4.74 32.89
N ALA C 158 -14.98 -4.25 34.14
CA ALA C 158 -16.26 -4.25 34.86
C ALA C 158 -17.33 -3.51 34.06
N TYR C 159 -16.96 -2.34 33.47
CA TYR C 159 -17.88 -1.58 32.62
C TYR C 159 -18.19 -2.36 31.34
N LEU C 160 -17.16 -2.87 30.63
CA LEU C 160 -17.38 -3.58 29.36
C LEU C 160 -18.21 -4.85 29.50
N GLU C 161 -17.95 -5.65 30.54
CA GLU C 161 -18.65 -6.92 30.79
C GLU C 161 -20.01 -6.76 31.43
N GLY C 162 -20.17 -5.70 32.21
CA GLY C 162 -21.42 -5.44 32.94
C GLY C 162 -22.29 -4.39 32.31
N THR C 163 -22.11 -3.14 32.75
CA THR C 163 -22.88 -1.93 32.37
C THR C 163 -23.10 -1.84 30.87
N CYS C 164 -22.00 -1.89 30.09
CA CYS C 164 -22.04 -1.81 28.64
C CYS C 164 -23.04 -2.80 28.03
N VAL C 165 -22.91 -4.09 28.39
CA VAL C 165 -23.76 -5.18 27.90
C VAL C 165 -25.22 -5.02 28.39
N GLU C 166 -25.41 -4.60 29.64
CA GLU C 166 -26.74 -4.40 30.21
C GLU C 166 -27.51 -3.35 29.43
N TRP C 167 -26.85 -2.22 29.12
CA TRP C 167 -27.47 -1.12 28.39
C TRP C 167 -27.62 -1.44 26.91
N LEU C 168 -26.67 -2.19 26.32
CA LEU C 168 -26.81 -2.62 24.94
C LEU C 168 -28.09 -3.49 24.80
N ARG C 169 -28.31 -4.44 25.74
CA ARG C 169 -29.51 -5.29 25.75
C ARG C 169 -30.81 -4.46 25.84
N ARG C 170 -30.81 -3.41 26.69
CA ARG C 170 -31.94 -2.50 26.84
C ARG C 170 -32.25 -1.80 25.51
N TYR C 171 -31.18 -1.30 24.85
CA TYR C 171 -31.31 -0.61 23.57
C TYR C 171 -31.83 -1.56 22.50
N LEU C 172 -31.33 -2.81 22.45
CA LEU C 172 -31.74 -3.79 21.44
C LEU C 172 -33.23 -4.09 21.56
N GLU C 173 -33.75 -4.12 22.80
CA GLU C 173 -35.16 -4.38 23.06
C GLU C 173 -35.98 -3.12 22.68
N ASN C 174 -35.65 -1.96 23.23
CA ASN C 174 -36.36 -0.72 22.94
C ASN C 174 -36.31 -0.32 21.46
N GLY C 175 -35.17 -0.55 20.82
CA GLY C 175 -34.95 -0.22 19.41
C GLY C 175 -35.09 -1.39 18.47
N LYS C 176 -35.84 -2.44 18.91
CA LYS C 176 -36.05 -3.68 18.19
C LYS C 176 -36.36 -3.53 16.68
N GLU C 177 -37.28 -2.62 16.33
N GLU C 177 -37.30 -2.64 16.32
CA GLU C 177 -37.71 -2.40 14.95
CA GLU C 177 -37.72 -2.42 14.94
C GLU C 177 -36.57 -1.94 14.04
C GLU C 177 -36.58 -1.93 14.02
N THR C 178 -35.66 -1.11 14.56
CA THR C 178 -34.52 -0.58 13.80
C THR C 178 -33.29 -1.49 13.93
N LEU C 179 -32.96 -1.92 15.15
CA LEU C 179 -31.73 -2.65 15.46
C LEU C 179 -31.73 -4.13 15.14
N GLN C 180 -32.86 -4.82 15.40
N GLN C 180 -32.86 -4.82 15.40
CA GLN C 180 -32.93 -6.25 15.16
CA GLN C 180 -32.96 -6.25 15.16
C GLN C 180 -33.42 -6.57 13.74
C GLN C 180 -33.47 -6.56 13.75
N ARG C 181 -33.35 -5.59 12.83
CA ARG C 181 -33.79 -5.76 11.46
C ARG C 181 -32.68 -6.19 10.52
N THR C 182 -33.09 -6.77 9.40
CA THR C 182 -32.20 -7.10 8.30
C THR C 182 -32.92 -6.62 7.06
N ASP C 183 -32.30 -5.70 6.33
CA ASP C 183 -32.81 -5.17 5.10
C ASP C 183 -31.99 -5.80 3.98
N ALA C 184 -32.56 -6.82 3.30
CA ALA C 184 -31.85 -7.48 2.19
C ALA C 184 -31.58 -6.45 1.09
N PRO C 185 -30.45 -6.54 0.38
CA PRO C 185 -30.18 -5.53 -0.66
C PRO C 185 -31.15 -5.60 -1.83
N LYS C 186 -31.44 -4.43 -2.41
CA LYS C 186 -32.24 -4.35 -3.62
C LYS C 186 -31.12 -4.30 -4.69
N THR C 187 -31.07 -5.31 -5.54
CA THR C 187 -30.00 -5.45 -6.51
C THR C 187 -30.43 -5.25 -7.94
N HIS C 188 -29.53 -4.68 -8.73
CA HIS C 188 -29.75 -4.50 -10.15
C HIS C 188 -28.45 -4.36 -10.89
N MET C 189 -28.50 -4.49 -12.21
CA MET C 189 -27.28 -4.37 -12.97
C MET C 189 -27.47 -3.38 -14.08
N THR C 190 -26.47 -2.55 -14.31
CA THR C 190 -26.47 -1.60 -15.43
C THR C 190 -25.35 -1.95 -16.41
N HIS C 191 -25.49 -1.46 -17.62
CA HIS C 191 -24.59 -1.69 -18.75
C HIS C 191 -24.31 -0.34 -19.41
N HIS C 192 -23.03 -0.02 -19.60
CA HIS C 192 -22.59 1.26 -20.19
C HIS C 192 -21.50 1.00 -21.25
N ALA C 193 -21.72 1.38 -22.51
CA ALA C 193 -20.70 1.20 -23.55
C ALA C 193 -19.50 2.10 -23.28
N VAL C 194 -18.31 1.51 -23.21
CA VAL C 194 -17.06 2.25 -22.97
C VAL C 194 -16.49 2.68 -24.33
N SER C 195 -16.62 1.78 -25.32
CA SER C 195 -16.16 1.96 -26.68
C SER C 195 -16.93 0.97 -27.53
N ASP C 196 -16.57 0.85 -28.82
CA ASP C 196 -17.17 -0.13 -29.71
C ASP C 196 -16.62 -1.54 -29.44
N HIS C 197 -15.63 -1.65 -28.53
CA HIS C 197 -14.97 -2.89 -28.14
C HIS C 197 -15.35 -3.32 -26.73
N GLU C 198 -15.72 -2.38 -25.84
CA GLU C 198 -15.96 -2.75 -24.45
C GLU C 198 -17.18 -2.12 -23.85
N ALA C 199 -17.65 -2.72 -22.75
CA ALA C 199 -18.79 -2.22 -21.97
C ALA C 199 -18.50 -2.38 -20.49
N THR C 200 -19.10 -1.52 -19.67
CA THR C 200 -18.97 -1.65 -18.22
C THR C 200 -20.24 -2.30 -17.72
N LEU C 201 -20.10 -3.33 -16.89
CA LEU C 201 -21.22 -3.95 -16.20
C LEU C 201 -21.07 -3.54 -14.75
N ARG C 202 -22.10 -2.89 -14.18
CA ARG C 202 -22.04 -2.44 -12.79
C ARG C 202 -23.13 -3.15 -12.00
N CYS C 203 -22.71 -3.85 -10.96
CA CYS C 203 -23.58 -4.61 -10.07
C CYS C 203 -23.89 -3.75 -8.85
N TRP C 204 -25.16 -3.48 -8.62
CA TRP C 204 -25.61 -2.60 -7.54
C TRP C 204 -26.28 -3.33 -6.38
N ALA C 205 -26.00 -2.86 -5.15
CA ALA C 205 -26.67 -3.35 -3.96
C ALA C 205 -27.09 -2.09 -3.20
N LEU C 206 -28.39 -1.89 -3.05
CA LEU C 206 -28.91 -0.68 -2.42
C LEU C 206 -29.88 -0.99 -1.30
N SER C 207 -30.12 0.00 -0.43
N SER C 207 -30.12 0.00 -0.43
N SER C 207 -30.14 0.00 -0.43
CA SER C 207 -31.06 -0.05 0.68
CA SER C 207 -31.08 -0.05 0.68
CA SER C 207 -31.10 -0.07 0.67
C SER C 207 -30.90 -1.26 1.61
C SER C 207 -30.91 -1.25 1.63
C SER C 207 -30.91 -1.27 1.61
N PHE C 208 -29.65 -1.66 1.90
CA PHE C 208 -29.37 -2.81 2.78
C PHE C 208 -28.90 -2.43 4.20
N TYR C 209 -29.17 -3.33 5.13
CA TYR C 209 -28.80 -3.19 6.53
C TYR C 209 -28.67 -4.59 7.13
N PRO C 210 -27.60 -4.92 7.88
N PRO C 210 -27.59 -4.92 7.88
CA PRO C 210 -26.44 -4.07 8.23
CA PRO C 210 -26.44 -4.07 8.23
C PRO C 210 -25.53 -3.76 7.04
C PRO C 210 -25.53 -3.76 7.04
N ALA C 211 -24.48 -2.94 7.27
CA ALA C 211 -23.54 -2.52 6.22
C ALA C 211 -22.70 -3.64 5.61
N GLU C 212 -22.40 -4.73 6.38
CA GLU C 212 -21.56 -5.84 5.89
C GLU C 212 -22.17 -6.47 4.65
N ILE C 213 -21.39 -6.54 3.56
CA ILE C 213 -21.85 -7.10 2.29
C ILE C 213 -20.63 -7.51 1.46
N THR C 214 -20.82 -8.48 0.55
CA THR C 214 -19.76 -8.89 -0.36
C THR C 214 -20.33 -8.94 -1.77
N LEU C 215 -19.71 -8.17 -2.68
CA LEU C 215 -20.07 -8.13 -4.10
C LEU C 215 -18.86 -8.66 -4.85
N THR C 216 -19.06 -9.68 -5.68
CA THR C 216 -17.95 -10.27 -6.46
C THR C 216 -18.35 -10.52 -7.89
N TRP C 217 -17.43 -10.27 -8.82
CA TRP C 217 -17.64 -10.53 -10.22
C TRP C 217 -16.84 -11.75 -10.63
N GLN C 218 -17.42 -12.57 -11.52
N GLN C 218 -17.42 -12.55 -11.53
CA GLN C 218 -16.79 -13.77 -12.09
CA GLN C 218 -16.83 -13.76 -12.09
C GLN C 218 -16.90 -13.76 -13.60
C GLN C 218 -16.93 -13.81 -13.61
N ARG C 219 -15.92 -14.39 -14.25
CA ARG C 219 -15.89 -14.59 -15.69
C ARG C 219 -15.72 -16.11 -15.77
N ASP C 220 -16.71 -16.81 -16.35
CA ASP C 220 -16.77 -18.28 -16.45
C ASP C 220 -16.68 -18.93 -15.05
N GLY C 221 -17.27 -18.27 -14.06
CA GLY C 221 -17.27 -18.73 -12.68
C GLY C 221 -15.98 -18.45 -11.92
N GLU C 222 -15.02 -17.73 -12.52
CA GLU C 222 -13.72 -17.44 -11.89
C GLU C 222 -13.70 -16.01 -11.36
N ASP C 223 -13.42 -15.82 -10.05
CA ASP C 223 -13.36 -14.48 -9.43
C ASP C 223 -12.45 -13.51 -10.19
N GLN C 224 -12.95 -12.29 -10.40
CA GLN C 224 -12.26 -11.23 -11.15
C GLN C 224 -11.68 -10.16 -10.22
N THR C 225 -11.06 -10.63 -9.11
CA THR C 225 -10.47 -9.82 -8.04
C THR C 225 -9.71 -8.58 -8.53
N GLN C 226 -8.64 -8.84 -9.29
CA GLN C 226 -7.71 -7.87 -9.85
C GLN C 226 -8.33 -6.93 -10.88
N ASP C 227 -9.47 -7.29 -11.46
CA ASP C 227 -10.10 -6.50 -12.52
C ASP C 227 -11.45 -5.91 -12.15
N THR C 228 -11.79 -5.92 -10.86
CA THR C 228 -13.08 -5.37 -10.41
C THR C 228 -12.86 -4.04 -9.74
N GLU C 229 -13.67 -3.03 -10.12
CA GLU C 229 -13.66 -1.76 -9.40
C GLU C 229 -14.71 -1.90 -8.33
N LEU C 230 -14.30 -1.86 -7.07
CA LEU C 230 -15.22 -2.00 -5.95
C LEU C 230 -15.20 -0.70 -5.16
N VAL C 231 -16.38 -0.04 -4.98
CA VAL C 231 -16.43 1.18 -4.19
C VAL C 231 -16.61 0.84 -2.71
N GLU C 232 -16.19 1.76 -1.84
CA GLU C 232 -16.41 1.61 -0.42
C GLU C 232 -17.94 1.63 -0.14
N THR C 233 -18.40 0.76 0.78
CA THR C 233 -19.81 0.75 1.25
C THR C 233 -20.09 2.14 1.80
N ARG C 234 -21.20 2.74 1.35
CA ARG C 234 -21.52 4.11 1.65
C ARG C 234 -22.92 4.26 2.26
N PRO C 235 -23.13 5.26 3.14
CA PRO C 235 -24.46 5.45 3.73
C PRO C 235 -25.42 6.12 2.76
N ALA C 236 -26.67 5.65 2.72
CA ALA C 236 -27.68 6.28 1.87
C ALA C 236 -28.23 7.57 2.50
N GLY C 237 -28.12 7.66 3.84
CA GLY C 237 -28.61 8.79 4.63
C GLY C 237 -29.91 8.50 5.33
N ASP C 238 -30.52 7.34 5.03
CA ASP C 238 -31.79 6.92 5.64
C ASP C 238 -31.65 5.70 6.59
N GLY C 239 -30.43 5.38 7.01
CA GLY C 239 -30.15 4.25 7.88
C GLY C 239 -29.79 2.98 7.12
N THR C 240 -29.72 3.07 5.78
CA THR C 240 -29.33 1.92 4.94
C THR C 240 -28.00 2.21 4.22
N PHE C 241 -27.49 1.18 3.52
CA PHE C 241 -26.21 1.30 2.86
C PHE C 241 -26.29 0.95 1.39
N GLN C 242 -25.23 1.34 0.64
CA GLN C 242 -25.13 1.11 -0.79
C GLN C 242 -23.74 0.67 -1.15
N LYS C 243 -23.63 -0.12 -2.22
N LYS C 243 -23.62 -0.11 -2.23
CA LYS C 243 -22.33 -0.57 -2.73
CA LYS C 243 -22.33 -0.56 -2.74
C LYS C 243 -22.48 -1.00 -4.18
C LYS C 243 -22.48 -1.02 -4.18
N TRP C 244 -21.43 -0.83 -4.98
CA TRP C 244 -21.42 -1.31 -6.35
C TRP C 244 -20.05 -1.84 -6.71
N ALA C 245 -20.04 -2.82 -7.63
CA ALA C 245 -18.82 -3.44 -8.16
C ALA C 245 -18.95 -3.43 -9.65
N ALA C 246 -17.88 -3.05 -10.37
CA ALA C 246 -17.95 -2.98 -11.82
C ALA C 246 -16.79 -3.66 -12.51
N VAL C 247 -17.06 -4.22 -13.69
N VAL C 247 -17.06 -4.22 -13.69
CA VAL C 247 -16.08 -4.90 -14.55
CA VAL C 247 -16.06 -4.85 -14.56
C VAL C 247 -16.22 -4.35 -15.98
C VAL C 247 -16.20 -4.29 -15.96
N VAL C 248 -15.09 -4.23 -16.70
CA VAL C 248 -15.08 -3.78 -18.09
C VAL C 248 -14.92 -5.07 -18.90
N VAL C 249 -15.89 -5.34 -19.77
CA VAL C 249 -15.96 -6.58 -20.52
C VAL C 249 -15.88 -6.36 -22.04
N PRO C 250 -15.37 -7.33 -22.82
CA PRO C 250 -15.44 -7.19 -24.27
C PRO C 250 -16.91 -7.26 -24.69
N SER C 251 -17.35 -6.29 -25.52
CA SER C 251 -18.75 -6.23 -26.01
C SER C 251 -19.11 -7.52 -26.71
N GLY C 252 -20.30 -8.04 -26.41
CA GLY C 252 -20.79 -9.30 -26.93
C GLY C 252 -20.45 -10.49 -26.05
N GLN C 253 -19.59 -10.30 -25.02
CA GLN C 253 -19.20 -11.40 -24.11
C GLN C 253 -19.81 -11.25 -22.70
N GLU C 254 -20.85 -10.43 -22.59
CA GLU C 254 -21.51 -10.15 -21.30
C GLU C 254 -22.01 -11.39 -20.56
N GLN C 255 -22.50 -12.41 -21.29
CA GLN C 255 -23.09 -13.61 -20.67
C GLN C 255 -22.05 -14.52 -19.99
N ARG C 256 -20.75 -14.25 -20.17
CA ARG C 256 -19.75 -15.03 -19.45
C ARG C 256 -19.54 -14.48 -18.04
N TYR C 257 -20.14 -13.32 -17.75
CA TYR C 257 -19.99 -12.63 -16.48
C TYR C 257 -21.18 -12.76 -15.55
N THR C 258 -20.88 -12.95 -14.27
CA THR C 258 -21.88 -13.05 -13.19
C THR C 258 -21.43 -12.23 -12.00
N CYS C 259 -22.38 -11.57 -11.34
CA CYS C 259 -22.11 -10.86 -10.10
C CYS C 259 -22.79 -11.67 -9.00
N HIS C 260 -22.12 -11.83 -7.86
CA HIS C 260 -22.69 -12.51 -6.70
C HIS C 260 -22.77 -11.54 -5.55
N VAL C 261 -23.91 -11.57 -4.85
CA VAL C 261 -24.19 -10.72 -3.71
C VAL C 261 -24.39 -11.61 -2.49
N GLN C 262 -23.62 -11.34 -1.44
CA GLN C 262 -23.72 -12.05 -0.16
C GLN C 262 -24.06 -11.05 0.91
N HIS C 263 -25.19 -11.27 1.57
CA HIS C 263 -25.64 -10.41 2.67
C HIS C 263 -26.41 -11.27 3.65
N GLU C 264 -26.44 -10.88 4.95
CA GLU C 264 -27.20 -11.66 5.92
C GLU C 264 -28.72 -11.74 5.60
N GLY C 265 -29.24 -10.79 4.82
CA GLY C 265 -30.63 -10.77 4.38
C GLY C 265 -30.94 -11.72 3.23
N LEU C 266 -29.89 -12.33 2.65
CA LEU C 266 -29.99 -13.30 1.57
C LEU C 266 -29.65 -14.69 2.12
N PRO C 267 -30.66 -15.59 2.24
CA PRO C 267 -30.40 -16.94 2.76
C PRO C 267 -29.25 -17.67 2.05
N LYS C 268 -29.09 -17.40 0.74
CA LYS C 268 -28.05 -17.95 -0.14
C LYS C 268 -27.44 -16.83 -0.96
N PRO C 269 -26.17 -16.93 -1.41
CA PRO C 269 -25.63 -15.86 -2.30
C PRO C 269 -26.47 -15.75 -3.57
N LEU C 270 -26.64 -14.51 -4.07
CA LEU C 270 -27.50 -14.22 -5.22
C LEU C 270 -26.72 -13.95 -6.49
N THR C 271 -27.11 -14.62 -7.58
CA THR C 271 -26.47 -14.45 -8.91
C THR C 271 -27.23 -13.42 -9.73
N LEU C 272 -26.49 -12.47 -10.30
CA LEU C 272 -27.02 -11.44 -11.17
C LEU C 272 -26.26 -11.52 -12.49
N ARG C 273 -27.03 -11.41 -13.58
CA ARG C 273 -26.52 -11.45 -14.93
C ARG C 273 -27.04 -10.26 -15.71
N TRP C 274 -26.34 -9.90 -16.80
CA TRP C 274 -26.81 -8.83 -17.67
C TRP C 274 -28.02 -9.33 -18.46
N GLU C 275 -29.16 -8.65 -18.31
CA GLU C 275 -30.41 -9.06 -18.96
C GLU C 275 -30.85 -8.02 -20.01
N PRO C 276 -30.46 -8.20 -21.29
CA PRO C 276 -30.88 -7.23 -22.32
C PRO C 276 -32.35 -7.41 -22.72
N ILE D 1 1.86 13.67 8.92
CA ILE D 1 1.12 12.40 8.87
C ILE D 1 -0.37 12.66 8.48
N GLN D 2 -0.59 12.73 7.18
CA GLN D 2 -1.89 13.12 6.67
C GLN D 2 -2.42 12.16 5.62
N ARG D 3 -3.75 11.99 5.60
CA ARG D 3 -4.43 11.06 4.70
C ARG D 3 -5.45 11.84 3.88
N THR D 4 -5.39 11.65 2.55
N THR D 4 -5.38 11.70 2.54
CA THR D 4 -6.22 12.31 1.54
CA THR D 4 -6.26 12.44 1.63
C THR D 4 -7.65 11.73 1.53
C THR D 4 -7.67 11.82 1.59
N PRO D 5 -8.70 12.58 1.48
N PRO D 5 -8.74 12.63 1.48
CA PRO D 5 -10.06 12.02 1.45
CA PRO D 5 -10.09 12.02 1.45
C PRO D 5 -10.42 11.27 0.18
C PRO D 5 -10.42 11.27 0.18
N LYS D 6 -11.21 10.20 0.33
CA LYS D 6 -11.82 9.44 -0.75
C LYS D 6 -13.17 10.20 -0.85
N ILE D 7 -13.74 10.30 -2.05
CA ILE D 7 -14.98 11.05 -2.27
C ILE D 7 -15.91 10.24 -3.15
N GLN D 8 -17.17 10.14 -2.74
CA GLN D 8 -18.19 9.50 -3.56
C GLN D 8 -19.39 10.46 -3.58
N VAL D 9 -19.90 10.78 -4.79
N VAL D 9 -19.90 10.74 -4.78
CA VAL D 9 -21.08 11.66 -4.96
CA VAL D 9 -21.06 11.62 -4.96
C VAL D 9 -22.18 10.81 -5.55
C VAL D 9 -22.19 10.79 -5.55
N TYR D 10 -23.37 10.81 -4.92
CA TYR D 10 -24.49 9.96 -5.34
C TYR D 10 -25.79 10.38 -4.75
N SER D 11 -26.87 9.77 -5.26
CA SER D 11 -28.20 10.04 -4.75
C SER D 11 -28.67 8.93 -3.79
N ARG D 12 -29.50 9.30 -2.81
CA ARG D 12 -30.03 8.35 -1.86
C ARG D 12 -30.83 7.26 -2.57
N HIS D 13 -31.68 7.65 -3.52
CA HIS D 13 -32.51 6.73 -4.30
C HIS D 13 -32.16 6.84 -5.76
N PRO D 14 -32.41 5.79 -6.58
CA PRO D 14 -32.15 5.92 -8.03
C PRO D 14 -32.85 7.17 -8.56
N ALA D 15 -32.12 7.99 -9.31
CA ALA D 15 -32.63 9.26 -9.80
C ALA D 15 -33.81 9.14 -10.76
N GLU D 16 -34.84 9.93 -10.50
CA GLU D 16 -36.01 10.05 -11.36
C GLU D 16 -36.28 11.53 -11.52
N ASN D 17 -36.17 12.03 -12.76
CA ASN D 17 -36.39 13.45 -13.04
C ASN D 17 -37.75 13.92 -12.54
N GLY D 18 -37.76 15.05 -11.86
CA GLY D 18 -38.97 15.62 -11.29
C GLY D 18 -39.38 15.06 -9.95
N LYS D 19 -38.67 14.03 -9.42
CA LYS D 19 -38.99 13.46 -8.11
C LYS D 19 -37.93 13.86 -7.09
N SER D 20 -38.39 14.34 -5.92
CA SER D 20 -37.52 14.75 -4.82
C SER D 20 -36.65 13.58 -4.36
N ASN D 21 -35.39 13.88 -4.03
CA ASN D 21 -34.37 12.90 -3.67
C ASN D 21 -33.36 13.59 -2.74
N PHE D 22 -32.24 12.93 -2.41
CA PHE D 22 -31.16 13.52 -1.62
C PHE D 22 -29.87 13.34 -2.36
N LEU D 23 -29.09 14.42 -2.45
CA LEU D 23 -27.77 14.40 -3.06
C LEU D 23 -26.79 14.25 -1.92
N ASN D 24 -25.95 13.23 -2.02
CA ASN D 24 -24.96 12.89 -0.99
C ASN D 24 -23.55 13.03 -1.48
N CYS D 25 -22.68 13.51 -0.61
CA CYS D 25 -21.24 13.50 -0.82
C CYS D 25 -20.63 12.87 0.41
N TYR D 26 -20.09 11.67 0.21
CA TYR D 26 -19.48 10.91 1.28
C TYR D 26 -17.97 11.05 1.17
N VAL D 27 -17.39 11.64 2.20
CA VAL D 27 -15.96 11.86 2.31
C VAL D 27 -15.42 10.94 3.42
N SER D 28 -14.39 10.17 3.09
CA SER D 28 -13.86 9.23 4.08
C SER D 28 -12.36 9.04 3.94
N GLY D 29 -11.76 8.34 4.89
CA GLY D 29 -10.33 8.03 4.84
C GLY D 29 -9.39 9.20 5.03
N PHE D 30 -9.89 10.32 5.59
CA PHE D 30 -9.04 11.51 5.73
C PHE D 30 -8.55 11.77 7.16
N HIS D 31 -7.42 12.47 7.24
CA HIS D 31 -6.80 12.89 8.49
C HIS D 31 -5.85 14.05 8.14
N PRO D 32 -5.91 15.22 8.81
CA PRO D 32 -6.73 15.57 9.99
C PRO D 32 -8.19 15.79 9.64
N SER D 33 -9.02 16.09 10.66
CA SER D 33 -10.48 16.21 10.54
C SER D 33 -11.00 17.45 9.81
N ASP D 34 -10.24 18.56 9.77
CA ASP D 34 -10.68 19.80 9.12
C ASP D 34 -10.89 19.51 7.65
N ILE D 35 -12.09 19.81 7.13
CA ILE D 35 -12.42 19.55 5.72
C ILE D 35 -13.48 20.54 5.25
N GLU D 36 -13.40 20.91 3.98
CA GLU D 36 -14.35 21.83 3.37
C GLU D 36 -15.11 21.04 2.32
N VAL D 37 -16.43 20.98 2.43
CA VAL D 37 -17.24 20.21 1.48
C VAL D 37 -18.44 21.03 1.04
N ASP D 38 -18.53 21.27 -0.25
CA ASP D 38 -19.67 21.99 -0.79
C ASP D 38 -20.32 21.15 -1.87
N LEU D 39 -21.64 21.18 -1.91
CA LEU D 39 -22.41 20.52 -2.96
C LEU D 39 -22.70 21.62 -3.96
N LEU D 40 -22.54 21.29 -5.24
CA LEU D 40 -22.71 22.30 -6.30
C LEU D 40 -23.85 21.94 -7.23
N LYS D 41 -24.61 22.97 -7.64
CA LYS D 41 -25.67 22.85 -8.65
C LYS D 41 -25.23 23.76 -9.79
N ASN D 42 -24.93 23.19 -10.96
CA ASN D 42 -24.46 23.92 -12.15
C ASN D 42 -23.24 24.79 -11.80
N GLY D 43 -22.36 24.21 -10.98
CA GLY D 43 -21.12 24.84 -10.54
C GLY D 43 -21.25 25.77 -9.34
N GLU D 44 -22.46 26.03 -8.83
CA GLU D 44 -22.59 26.95 -7.72
C GLU D 44 -23.05 26.31 -6.43
N ARG D 45 -22.42 26.76 -5.34
CA ARG D 45 -22.64 26.25 -3.99
C ARG D 45 -24.10 26.20 -3.60
N ILE D 46 -24.58 25.06 -3.15
CA ILE D 46 -25.94 24.88 -2.65
C ILE D 46 -25.90 25.41 -1.20
N GLU D 47 -26.83 26.31 -0.87
CA GLU D 47 -26.85 26.99 0.42
C GLU D 47 -27.19 26.11 1.59
N LYS D 48 -28.26 25.31 1.49
CA LYS D 48 -28.68 24.48 2.61
C LYS D 48 -28.11 23.08 2.47
N VAL D 49 -27.06 22.79 3.25
CA VAL D 49 -26.39 21.48 3.20
C VAL D 49 -26.15 21.02 4.63
N GLU D 50 -26.55 19.79 4.94
CA GLU D 50 -26.36 19.25 6.28
C GLU D 50 -25.26 18.19 6.22
N HIS D 51 -24.76 17.81 7.39
CA HIS D 51 -23.76 16.75 7.46
C HIS D 51 -23.90 15.94 8.71
N SER D 52 -23.42 14.70 8.64
CA SER D 52 -23.43 13.77 9.76
C SER D 52 -22.45 14.20 10.84
N ASP D 53 -22.54 13.57 12.00
CA ASP D 53 -21.64 13.87 13.09
C ASP D 53 -20.32 13.14 12.84
N LEU D 54 -19.19 13.86 13.04
CA LEU D 54 -17.84 13.34 12.86
C LEU D 54 -17.61 12.00 13.56
N SER D 55 -17.11 11.04 12.80
CA SER D 55 -16.80 9.71 13.29
C SER D 55 -15.62 9.18 12.54
N PHE D 56 -15.14 8.01 12.95
CA PHE D 56 -13.94 7.49 12.31
C PHE D 56 -13.93 5.99 12.22
N SER D 57 -13.07 5.49 11.34
CA SER D 57 -12.89 4.08 11.05
C SER D 57 -11.82 3.46 11.95
N LYS D 58 -11.62 2.14 11.83
CA LYS D 58 -10.65 1.45 12.68
C LYS D 58 -9.21 1.91 12.46
N ASP D 59 -8.86 2.42 11.27
CA ASP D 59 -7.51 2.94 11.00
C ASP D 59 -7.39 4.40 11.46
N TRP D 60 -8.40 4.91 12.21
CA TRP D 60 -8.51 6.27 12.75
C TRP D 60 -8.89 7.33 11.73
N SER D 61 -9.00 6.99 10.42
CA SER D 61 -9.39 8.01 9.45
C SER D 61 -10.87 8.40 9.62
N PHE D 62 -11.17 9.66 9.39
CA PHE D 62 -12.50 10.23 9.56
C PHE D 62 -13.41 10.03 8.36
N TYR D 63 -14.73 10.09 8.63
CA TYR D 63 -15.74 10.04 7.58
C TYR D 63 -16.92 10.96 7.93
N LEU D 64 -17.47 11.58 6.90
CA LEU D 64 -18.60 12.50 7.01
C LEU D 64 -19.49 12.32 5.78
N LEU D 65 -20.79 12.40 6.00
CA LEU D 65 -21.75 12.42 4.90
C LEU D 65 -22.34 13.83 4.83
N TYR D 66 -22.23 14.50 3.67
CA TYR D 66 -22.83 15.83 3.41
C TYR D 66 -24.02 15.56 2.51
N TYR D 67 -25.16 16.22 2.77
CA TYR D 67 -26.36 15.91 1.99
C TYR D 67 -27.33 17.08 1.91
N THR D 68 -28.14 17.06 0.87
CA THR D 68 -29.19 18.07 0.66
C THR D 68 -30.31 17.45 -0.17
N GLU D 69 -31.56 17.86 0.08
CA GLU D 69 -32.71 17.47 -0.73
C GLU D 69 -32.52 18.14 -2.09
N PHE D 70 -32.86 17.45 -3.16
CA PHE D 70 -32.79 17.99 -4.51
C PHE D 70 -33.77 17.26 -5.40
N THR D 71 -34.19 17.93 -6.48
CA THR D 71 -35.06 17.32 -7.45
C THR D 71 -34.28 17.23 -8.74
N PRO D 72 -33.78 16.03 -9.11
CA PRO D 72 -33.01 15.92 -10.36
C PRO D 72 -33.85 16.26 -11.57
N THR D 73 -33.20 16.85 -12.57
CA THR D 73 -33.81 17.17 -13.86
C THR D 73 -32.88 16.63 -14.93
N GLU D 74 -33.29 16.73 -16.19
CA GLU D 74 -32.48 16.25 -17.29
C GLU D 74 -31.17 17.05 -17.44
N LYS D 75 -31.25 18.37 -17.36
CA LYS D 75 -30.11 19.24 -17.66
C LYS D 75 -29.28 19.74 -16.47
N ASP D 76 -29.83 19.78 -15.24
CA ASP D 76 -29.06 20.23 -14.09
C ASP D 76 -27.89 19.31 -13.75
N GLU D 77 -26.72 19.91 -13.58
CA GLU D 77 -25.49 19.19 -13.24
C GLU D 77 -25.21 19.38 -11.76
N TYR D 78 -24.83 18.29 -11.09
CA TYR D 78 -24.50 18.35 -9.66
C TYR D 78 -23.10 17.83 -9.43
N ALA D 79 -22.47 18.26 -8.32
CA ALA D 79 -21.13 17.85 -7.98
C ALA D 79 -20.84 18.10 -6.52
N CYS D 80 -19.70 17.60 -6.07
CA CYS D 80 -19.23 17.85 -4.73
C CYS D 80 -17.83 18.37 -4.86
N ARG D 81 -17.52 19.42 -4.09
CA ARG D 81 -16.20 20.03 -4.13
C ARG D 81 -15.60 19.89 -2.74
N VAL D 82 -14.40 19.29 -2.68
CA VAL D 82 -13.75 19.01 -1.40
C VAL D 82 -12.40 19.69 -1.32
N ASN D 83 -12.14 20.36 -0.19
CA ASN D 83 -10.83 20.90 0.08
C ASN D 83 -10.33 20.33 1.41
N HIS D 84 -9.04 20.04 1.47
CA HIS D 84 -8.38 19.42 2.63
C HIS D 84 -6.93 19.79 2.56
N VAL D 85 -6.23 19.77 3.72
CA VAL D 85 -4.80 20.14 3.77
C VAL D 85 -3.95 19.29 2.78
N THR D 86 -4.38 18.04 2.50
CA THR D 86 -3.66 17.12 1.61
C THR D 86 -3.79 17.48 0.12
N LEU D 87 -4.71 18.40 -0.21
CA LEU D 87 -4.98 18.79 -1.60
C LEU D 87 -4.36 20.14 -1.97
N SER D 88 -3.70 20.22 -3.13
CA SER D 88 -3.10 21.47 -3.58
C SER D 88 -4.19 22.44 -4.03
N GLN D 89 -5.32 21.89 -4.47
CA GLN D 89 -6.49 22.66 -4.89
C GLN D 89 -7.77 21.87 -4.62
N PRO D 90 -8.95 22.53 -4.48
CA PRO D 90 -10.19 21.76 -4.27
C PRO D 90 -10.45 20.72 -5.37
N LYS D 91 -10.98 19.58 -4.97
CA LYS D 91 -11.27 18.49 -5.88
C LYS D 91 -12.78 18.46 -6.16
N ILE D 92 -13.13 18.44 -7.43
CA ILE D 92 -14.53 18.43 -7.83
C ILE D 92 -14.85 17.06 -8.41
N VAL D 93 -15.84 16.39 -7.84
CA VAL D 93 -16.32 15.10 -8.32
C VAL D 93 -17.76 15.33 -8.78
N LYS D 94 -18.03 15.04 -10.05
N LYS D 94 -18.03 15.10 -10.07
CA LYS D 94 -19.35 15.21 -10.64
CA LYS D 94 -19.35 15.28 -10.66
C LYS D 94 -20.29 14.10 -10.22
C LYS D 94 -20.28 14.12 -10.33
N TRP D 95 -21.58 14.43 -10.12
CA TRP D 95 -22.59 13.43 -9.88
C TRP D 95 -22.96 12.78 -11.22
N ASP D 96 -22.83 11.46 -11.28
N ASP D 96 -22.83 11.46 -11.28
CA ASP D 96 -23.22 10.63 -12.41
CA ASP D 96 -23.22 10.63 -12.41
C ASP D 96 -24.26 9.67 -11.84
C ASP D 96 -24.26 9.67 -11.84
N ARG D 97 -25.50 9.76 -12.35
CA ARG D 97 -26.61 8.94 -11.85
C ARG D 97 -26.37 7.42 -11.99
N ASP D 98 -25.32 7.03 -12.74
CA ASP D 98 -24.91 5.65 -12.94
C ASP D 98 -23.80 5.20 -11.97
N MET D 99 -23.47 6.04 -10.97
CA MET D 99 -22.40 5.76 -9.99
C MET D 99 -22.82 6.10 -8.54
N PHE E 1 25.90 -12.19 -25.21
CA PHE E 1 25.67 -12.28 -26.65
C PHE E 1 24.21 -12.53 -26.89
N LEU E 2 23.57 -11.60 -27.57
CA LEU E 2 22.13 -11.63 -27.76
C LEU E 2 21.63 -12.68 -28.70
N PRO E 3 20.41 -13.20 -28.45
CA PRO E 3 19.77 -14.04 -29.47
C PRO E 3 19.27 -13.13 -30.59
N THR E 4 18.92 -13.69 -31.75
CA THR E 4 18.30 -12.88 -32.80
C THR E 4 16.77 -12.80 -32.49
N PRO E 5 15.98 -11.92 -33.16
CA PRO E 5 14.52 -11.92 -32.92
C PRO E 5 13.82 -13.26 -33.20
N GLU E 6 14.23 -13.99 -34.27
CA GLU E 6 13.59 -15.29 -34.57
C GLU E 6 13.90 -16.39 -33.54
N GLU E 7 15.04 -16.25 -32.82
CA GLU E 7 15.37 -17.21 -31.76
C GLU E 7 14.53 -17.01 -30.53
N LEU E 8 14.10 -15.78 -30.26
CA LEU E 8 13.26 -15.51 -29.10
C LEU E 8 11.79 -15.79 -29.33
N GLY E 9 11.34 -15.58 -30.56
CA GLY E 9 9.93 -15.73 -30.89
C GLY E 9 9.30 -14.36 -31.04
N LEU E 10 8.61 -14.14 -32.17
CA LEU E 10 7.97 -12.89 -32.47
C LEU E 10 6.50 -12.98 -32.12
N LEU E 11 6.11 -12.23 -31.10
CA LEU E 11 4.74 -12.27 -30.62
C LEU E 11 3.77 -11.70 -31.68
N GLY E 12 4.11 -10.54 -32.22
CA GLY E 12 3.23 -9.83 -33.13
C GLY E 12 3.34 -10.14 -34.61
N PRO E 13 2.54 -9.37 -35.39
CA PRO E 13 2.53 -9.58 -36.84
C PRO E 13 3.87 -9.28 -37.51
N PRO E 14 4.15 -9.94 -38.66
CA PRO E 14 5.41 -9.67 -39.37
C PRO E 14 5.56 -8.21 -39.76
N ARG E 15 6.79 -7.70 -39.64
CA ARG E 15 7.16 -6.35 -40.01
C ARG E 15 8.31 -6.40 -41.00
N PRO E 16 8.47 -5.40 -41.91
CA PRO E 16 9.63 -5.41 -42.83
C PRO E 16 10.97 -5.49 -42.11
N GLN E 17 11.91 -6.24 -42.67
CA GLN E 17 13.23 -6.45 -42.07
C GLN E 17 14.18 -5.31 -42.44
N PHE F 1 -25.00 4.11 26.89
CA PHE F 1 -24.77 4.52 28.27
C PHE F 1 -23.29 4.64 28.48
N LEU F 2 -22.84 5.85 28.78
CA LEU F 2 -21.40 6.10 28.88
C LEU F 2 -20.72 5.54 30.12
N PRO F 3 -19.44 5.18 29.99
CA PRO F 3 -18.65 4.85 31.18
C PRO F 3 -18.32 6.15 31.91
N THR F 4 -17.76 6.07 33.11
CA THR F 4 -17.31 7.27 33.81
C THR F 4 -15.87 7.56 33.32
N PRO F 5 -15.33 8.79 33.50
CA PRO F 5 -13.91 9.05 33.13
C PRO F 5 -12.95 8.10 33.84
N GLU F 6 -13.17 7.85 35.13
CA GLU F 6 -12.30 6.96 35.95
C GLU F 6 -12.30 5.54 35.38
N GLU F 7 -13.40 5.14 34.74
CA GLU F 7 -13.52 3.76 34.17
C GLU F 7 -12.66 3.65 32.90
N LEU F 8 -12.64 4.71 32.08
CA LEU F 8 -11.87 4.73 30.84
C LEU F 8 -10.39 4.91 31.03
N GLY F 9 -10.01 5.53 32.14
CA GLY F 9 -8.59 5.80 32.40
C GLY F 9 -8.24 7.20 32.01
N LEU F 10 -7.64 7.92 32.96
CA LEU F 10 -7.19 9.29 32.80
C LEU F 10 -5.70 9.31 32.53
N LEU F 11 -5.28 10.12 31.56
CA LEU F 11 -3.88 10.18 31.15
C LEU F 11 -2.99 11.05 32.03
N GLY F 12 -3.47 12.27 32.29
CA GLY F 12 -2.66 13.27 32.94
C GLY F 12 -2.76 13.39 34.43
N PRO F 13 -2.12 14.45 34.94
CA PRO F 13 -2.16 14.75 36.38
C PRO F 13 -3.58 15.08 36.83
N PRO F 14 -3.91 14.94 38.14
CA PRO F 14 -5.28 15.21 38.57
C PRO F 14 -5.67 16.67 38.43
N ARG F 15 -6.95 16.89 38.05
CA ARG F 15 -7.52 18.21 37.88
C ARG F 15 -8.81 18.33 38.70
N PRO F 16 -9.02 19.42 39.47
CA PRO F 16 -10.32 19.57 40.16
C PRO F 16 -11.46 19.80 39.15
#